data_5JQ6
#
_entry.id   5JQ6
#
_cell.length_a   234.287
_cell.length_b   84.086
_cell.length_c   48.626
_cell.angle_alpha   90.00
_cell.angle_beta   98.90
_cell.angle_gamma   90.00
#
_symmetry.space_group_name_H-M   'C 1 2 1'
#
loop_
_entity.id
_entity.type
_entity.pdbx_description
1 polymer 'Clumping factor A'
2 polymer 'Tefibazumab FAB FRAGMENT HEAVY CHAIN'
3 polymer 'Tefibazumab FAB FRAGMENT LIGHT CHAIN'
4 water water
#
loop_
_entity_poly.entity_id
_entity_poly.type
_entity_poly.pdbx_seq_one_letter_code
_entity_poly.pdbx_strand_id
1 'polypeptide(L)'
;MRGSHHHHHHGSGTDITNQLTNVTVGIDSGTTVYPHQAGYVKLNYGFSVPNSAVKGDTFKITVPKELNLNGVTSTAKVPP
IMAGDQVLANGVIDSDGNVIYTFTDYVNTKCDVKATLTMPAYIDPENVKKTGNVTLATGIGSTTANKTVLVDYEKYGKFY
NLSIKGTIDQIDKTNNTYRQTIYVNPSGDNVIAPVLTGNLKPNTDSNALIDQQNTSIKVYKVDNAADLSESYFVNPENFE
DVTNSVNITFPNPNQYKVEFNTPDDQITTPYIVVVNGHIDPNSKGDLALRSTLYGYNSNIIWRSMSWDNEVAFNNGSGSG
DGIDCPVVP
;
A
2 'polypeptide(L)'
;QVQLKESGPGLVKPSQTLSITCTISGFSLSRYSVHWVRQPPGKGLEWLGMIWGGGNTDYNSALKSRLSISKDNSKNQVFL
KMNSLTAADTAVYYCARKGEFYYGYDGFVYWGQGTLVTVSSASTKGPSVFPLAPSSKSTSGGTAALGCLVKDYFPEPVTV
SWNSGALTSGVHTFPAVLQSSGLYSLSSVVTVPSSSLGTQTYICNVNHKPSNTKVDKRAEPK
;
H
3 'polypeptide(L)'
;DIVMTQSPDSLAVSLGERVTMNCKSSQSVLYSSNQKNYLAWYQQKPGQSPKLLIYWASTRESGVPDRFSGSGSGTDFTLT
ISSVQAEDLAVYYCHQYLSSYTFGGGTKLEIKRTVAAPSVFIFPPSDEQLKSGTASVVCLLNNFYPREAKVQWKVDNALQ
SGNSQESVTEQDSKDSTYSLSSTLTLSKADYEKHKVYACEVTHQGLSSPVTKSANR
;
L
#
# COMPACT_ATOMS: atom_id res chain seq x y z
N GLY A 3 28.26 -17.71 -19.77
CA GLY A 3 28.45 -19.14 -19.37
C GLY A 3 27.15 -19.75 -18.88
N SER A 4 26.49 -20.53 -19.74
CA SER A 4 25.18 -21.11 -19.46
C SER A 4 25.21 -22.64 -19.52
N HIS A 5 24.54 -23.27 -18.56
CA HIS A 5 24.43 -24.72 -18.45
C HIS A 5 23.38 -25.31 -19.41
N HIS A 6 22.72 -24.44 -20.17
CA HIS A 6 21.75 -24.89 -21.16
C HIS A 6 22.37 -25.01 -22.56
N HIS A 7 23.65 -24.65 -22.70
CA HIS A 7 24.30 -24.66 -24.01
C HIS A 7 25.61 -25.43 -23.94
N HIS A 8 25.63 -26.61 -24.54
CA HIS A 8 26.82 -27.46 -24.47
C HIS A 8 27.57 -27.54 -25.81
N HIS A 9 28.83 -27.94 -25.71
CA HIS A 9 29.76 -27.96 -26.85
C HIS A 9 30.52 -29.28 -26.89
N HIS A 10 30.62 -29.89 -28.08
CA HIS A 10 31.27 -31.18 -28.21
C HIS A 10 32.28 -31.13 -29.30
N GLY A 11 32.65 -32.31 -29.78
CA GLY A 11 33.54 -32.40 -30.94
C GLY A 11 34.48 -33.58 -30.78
N SER A 12 35.65 -33.51 -31.46
CA SER A 12 36.71 -34.53 -31.36
C SER A 12 37.01 -34.98 -29.93
N GLY A 13 37.35 -36.26 -29.78
CA GLY A 13 37.73 -36.82 -28.48
C GLY A 13 36.99 -38.10 -28.20
N THR A 14 37.49 -38.89 -27.26
CA THR A 14 36.92 -40.21 -27.01
C THR A 14 36.68 -40.42 -25.50
N ASP A 15 35.65 -41.18 -25.13
CA ASP A 15 35.36 -41.44 -23.72
C ASP A 15 36.34 -42.45 -23.14
N ILE A 16 37.27 -41.99 -22.33
CA ILE A 16 38.31 -42.88 -21.82
C ILE A 16 38.05 -43.30 -20.38
N THR A 17 36.78 -43.33 -19.99
CA THR A 17 36.38 -43.73 -18.65
C THR A 17 36.99 -45.05 -18.24
N ASN A 18 36.78 -46.09 -19.05
CA ASN A 18 37.27 -47.42 -18.71
C ASN A 18 38.78 -47.58 -18.76
N GLN A 19 39.51 -46.57 -19.22
CA GLN A 19 40.96 -46.63 -19.15
C GLN A 19 41.51 -45.92 -17.89
N LEU A 20 40.62 -45.43 -17.05
CA LEU A 20 41.05 -44.82 -15.77
C LEU A 20 41.60 -45.93 -14.88
N THR A 21 42.79 -45.71 -14.32
CA THR A 21 43.43 -46.70 -13.45
C THR A 21 43.24 -46.24 -11.98
N ASN A 22 43.56 -47.11 -11.02
CA ASN A 22 43.52 -46.79 -9.59
C ASN A 22 42.25 -46.08 -9.16
N VAL A 23 41.10 -46.60 -9.55
CA VAL A 23 39.85 -45.91 -9.30
C VAL A 23 39.33 -46.18 -7.90
N THR A 24 39.01 -45.12 -7.17
CA THR A 24 38.32 -45.21 -5.88
C THR A 24 37.21 -44.17 -5.81
N VAL A 25 36.08 -44.59 -5.25
CA VAL A 25 34.92 -43.75 -5.10
C VAL A 25 34.51 -43.88 -3.67
N GLY A 26 33.96 -42.81 -3.12
CA GLY A 26 33.45 -42.80 -1.75
C GLY A 26 32.28 -41.84 -1.60
N ILE A 27 31.44 -42.11 -0.59
CA ILE A 27 30.33 -41.26 -0.26
C ILE A 27 30.42 -40.87 1.21
N ASP A 28 30.75 -39.61 1.49
CA ASP A 28 30.92 -39.17 2.86
C ASP A 28 29.61 -38.59 3.39
N SER A 29 29.04 -39.23 4.39
CA SER A 29 27.81 -38.75 5.04
C SER A 29 27.59 -39.42 6.40
N GLY A 30 26.66 -38.85 7.18
CA GLY A 30 26.25 -39.44 8.44
C GLY A 30 25.30 -40.56 8.11
N THR A 31 24.87 -41.28 9.14
CA THR A 31 23.89 -42.34 8.98
C THR A 31 22.56 -41.76 8.59
N THR A 32 22.35 -40.49 8.95
CA THR A 32 21.14 -39.77 8.57
C THR A 32 21.45 -38.47 7.81
N VAL A 33 20.62 -38.19 6.82
CA VAL A 33 20.72 -36.94 6.08
C VAL A 33 19.39 -36.20 6.23
N TYR A 34 19.50 -34.92 6.59
CA TYR A 34 18.38 -34.04 6.82
C TYR A 34 18.45 -32.95 5.77
N PRO A 35 17.86 -33.20 4.58
CA PRO A 35 17.91 -32.25 3.47
C PRO A 35 17.42 -30.87 3.86
N HIS A 36 16.37 -30.83 4.65
CA HIS A 36 15.80 -29.54 5.08
C HIS A 36 16.53 -28.89 6.25
N GLN A 37 17.61 -29.48 6.73
CA GLN A 37 18.50 -28.78 7.64
C GLN A 37 19.85 -28.56 6.96
N ALA A 38 19.82 -28.34 5.65
CA ALA A 38 21.06 -28.08 4.91
C ALA A 38 21.97 -29.30 4.88
N GLY A 39 21.40 -30.48 5.15
CA GLY A 39 22.13 -31.74 5.08
C GLY A 39 22.49 -32.09 3.64
N TYR A 40 23.67 -32.67 3.46
CA TYR A 40 24.12 -33.14 2.18
C TYR A 40 25.15 -34.25 2.34
N VAL A 41 25.56 -34.83 1.23
CA VAL A 41 26.63 -35.80 1.22
C VAL A 41 27.78 -35.25 0.37
N LYS A 42 28.95 -35.86 0.52
CA LYS A 42 30.09 -35.56 -0.30
C LYS A 42 30.38 -36.77 -1.17
N LEU A 43 30.52 -36.55 -2.47
CA LEU A 43 30.95 -37.60 -3.35
C LEU A 43 32.47 -37.48 -3.63
N ASN A 44 33.22 -38.53 -3.27
CA ASN A 44 34.65 -38.50 -3.43
C ASN A 44 35.13 -39.44 -4.53
N TYR A 45 36.09 -38.96 -5.33
CA TYR A 45 36.62 -39.74 -6.46
C TYR A 45 38.12 -39.55 -6.59
N GLY A 46 38.83 -40.64 -6.89
CA GLY A 46 40.26 -40.57 -7.19
C GLY A 46 40.55 -41.49 -8.37
N PHE A 47 41.47 -41.08 -9.24
CA PHE A 47 41.79 -41.89 -10.41
C PHE A 47 43.11 -41.49 -11.07
N SER A 48 43.81 -42.49 -11.60
CA SER A 48 44.99 -42.29 -12.46
C SER A 48 44.53 -42.25 -13.91
N VAL A 49 45.08 -41.29 -14.64
CA VAL A 49 44.77 -41.14 -16.05
C VAL A 49 45.89 -41.70 -16.92
N PRO A 50 45.54 -42.31 -18.06
CA PRO A 50 46.58 -42.82 -18.96
C PRO A 50 47.35 -41.74 -19.73
N ASN A 51 48.66 -41.94 -19.86
CA ASN A 51 49.50 -41.05 -20.64
C ASN A 51 48.95 -40.87 -22.05
N SER A 52 48.39 -41.96 -22.56
CA SER A 52 47.55 -41.98 -23.78
C SER A 52 46.51 -40.84 -23.97
N ALA A 53 46.04 -40.24 -22.87
CA ALA A 53 44.97 -39.21 -22.95
C ALA A 53 45.39 -37.92 -23.67
N VAL A 54 44.45 -37.40 -24.47
CA VAL A 54 44.64 -36.20 -25.28
C VAL A 54 43.43 -35.26 -25.15
N LYS A 55 43.60 -33.99 -25.53
CA LYS A 55 42.54 -32.99 -25.36
C LYS A 55 41.22 -33.46 -25.99
N GLY A 56 40.14 -33.39 -25.23
CA GLY A 56 38.82 -33.69 -25.77
C GLY A 56 38.30 -35.04 -25.33
N ASP A 57 39.20 -35.86 -24.79
CA ASP A 57 38.79 -37.15 -24.20
C ASP A 57 37.98 -36.89 -22.95
N THR A 58 36.92 -37.68 -22.78
CA THR A 58 35.99 -37.45 -21.70
C THR A 58 35.95 -38.62 -20.72
N PHE A 59 35.54 -38.35 -19.48
CA PHE A 59 35.14 -39.44 -18.59
C PHE A 59 33.83 -39.12 -17.89
N LYS A 60 33.13 -40.17 -17.49
CA LYS A 60 31.80 -40.05 -16.95
C LYS A 60 31.75 -40.49 -15.48
N ILE A 61 31.22 -39.60 -14.66
CA ILE A 61 30.90 -39.88 -13.28
C ILE A 61 29.41 -40.13 -13.21
N THR A 62 29.04 -41.31 -12.74
CA THR A 62 27.63 -41.69 -12.69
C THR A 62 27.05 -41.22 -11.36
N VAL A 63 26.01 -40.41 -11.44
CA VAL A 63 25.34 -39.87 -10.28
C VAL A 63 23.93 -40.41 -10.29
N PRO A 64 23.42 -40.83 -9.13
CA PRO A 64 22.08 -41.44 -9.08
C PRO A 64 20.95 -40.42 -9.10
N LYS A 65 19.79 -40.83 -9.61
CA LYS A 65 18.62 -39.98 -9.55
C LYS A 65 18.15 -39.55 -8.13
N GLU A 66 18.63 -40.23 -7.09
CA GLU A 66 18.20 -39.87 -5.74
C GLU A 66 18.89 -38.58 -5.31
N LEU A 67 19.94 -38.20 -6.03
CA LEU A 67 20.69 -36.99 -5.75
C LEU A 67 20.72 -35.98 -6.91
N ASN A 68 20.92 -34.72 -6.56
CA ASN A 68 21.27 -33.69 -7.54
C ASN A 68 22.50 -32.96 -7.03
N LEU A 69 23.02 -32.06 -7.85
CA LEU A 69 24.26 -31.39 -7.53
C LEU A 69 24.05 -29.90 -7.29
N ASN A 70 22.84 -29.42 -7.56
CA ASN A 70 22.53 -28.00 -7.45
C ASN A 70 21.91 -27.65 -6.09
N GLY A 71 21.21 -28.56 -5.43
CA GLY A 71 20.65 -28.26 -4.10
C GLY A 71 19.67 -27.09 -4.13
N VAL A 72 19.90 -26.10 -3.26
CA VAL A 72 19.03 -24.91 -3.19
C VAL A 72 19.12 -23.97 -4.39
N THR A 73 20.22 -24.03 -5.15
CA THR A 73 20.34 -23.19 -6.34
C THR A 73 19.77 -23.87 -7.58
N SER A 74 19.41 -23.08 -8.58
CA SER A 74 18.68 -23.60 -9.73
C SER A 74 19.57 -24.26 -10.80
N THR A 75 20.88 -24.07 -10.69
CA THR A 75 21.83 -24.52 -11.71
C THR A 75 23.07 -25.03 -11.00
N ALA A 76 23.53 -26.22 -11.41
CA ALA A 76 24.69 -26.81 -10.78
C ALA A 76 25.97 -26.41 -11.50
N LYS A 77 27.01 -26.19 -10.71
CA LYS A 77 28.36 -25.92 -11.17
C LYS A 77 29.29 -27.06 -10.74
N VAL A 78 29.81 -27.83 -11.68
CA VAL A 78 30.77 -28.86 -11.31
C VAL A 78 32.16 -28.26 -11.30
N PRO A 79 32.97 -28.61 -10.28
CA PRO A 79 34.25 -27.90 -10.19
C PRO A 79 35.27 -28.45 -11.17
N PRO A 80 36.09 -27.54 -11.75
CA PRO A 80 37.22 -27.90 -12.60
C PRO A 80 38.33 -28.57 -11.81
N ILE A 81 38.92 -29.61 -12.39
CA ILE A 81 40.07 -30.29 -11.80
C ILE A 81 41.28 -29.48 -12.22
N MET A 82 42.09 -29.10 -11.25
CA MET A 82 43.19 -28.17 -11.49
C MET A 82 44.52 -28.86 -11.26
N GLN A 86 46.69 -24.43 -13.44
CA GLN A 86 46.44 -25.09 -14.71
C GLN A 86 45.24 -26.08 -14.65
N VAL A 87 44.35 -25.97 -15.64
CA VAL A 87 43.10 -26.75 -15.67
C VAL A 87 43.28 -28.09 -16.39
N LEU A 88 43.09 -29.18 -15.63
CA LEU A 88 43.22 -30.55 -16.13
C LEU A 88 41.96 -31.01 -16.80
N ALA A 89 40.81 -30.57 -16.27
CA ALA A 89 39.52 -31.06 -16.74
C ALA A 89 38.37 -30.14 -16.33
N ASN A 90 37.49 -29.84 -17.29
CA ASN A 90 36.26 -29.12 -17.05
C ASN A 90 35.10 -30.07 -17.22
N GLY A 91 34.06 -29.90 -16.42
CA GLY A 91 32.95 -30.84 -16.39
C GLY A 91 31.59 -30.23 -16.65
N VAL A 92 30.63 -31.08 -16.94
CA VAL A 92 29.31 -30.63 -17.34
C VAL A 92 28.29 -31.71 -16.98
N ILE A 93 27.05 -31.31 -16.72
CA ILE A 93 26.00 -32.22 -16.30
C ILE A 93 25.07 -32.55 -17.47
N ASP A 94 24.85 -33.83 -17.76
CA ASP A 94 24.06 -34.22 -18.93
C ASP A 94 22.62 -34.51 -18.52
N SER A 95 21.78 -34.89 -19.48
CA SER A 95 20.34 -34.99 -19.21
C SER A 95 20.00 -36.07 -18.18
N ASP A 96 20.89 -37.04 -18.00
CA ASP A 96 20.66 -38.10 -17.05
C ASP A 96 21.05 -37.70 -15.64
N GLY A 97 21.78 -36.59 -15.53
CA GLY A 97 22.27 -36.16 -14.24
C GLY A 97 23.72 -36.53 -14.07
N ASN A 98 24.30 -37.15 -15.10
CA ASN A 98 25.69 -37.59 -14.99
C ASN A 98 26.64 -36.48 -15.30
N VAL A 99 27.84 -36.58 -14.76
CA VAL A 99 28.86 -35.57 -14.95
C VAL A 99 29.91 -36.03 -15.98
N ILE A 100 29.94 -35.33 -17.12
CA ILE A 100 30.95 -35.58 -18.14
C ILE A 100 32.07 -34.55 -18.04
N TYR A 101 33.28 -35.01 -17.81
CA TYR A 101 34.43 -34.15 -17.73
C TYR A 101 35.19 -34.26 -19.06
N THR A 102 35.67 -33.13 -19.59
CA THR A 102 36.46 -33.11 -20.81
C THR A 102 37.88 -32.62 -20.47
N PHE A 103 38.86 -33.50 -20.65
CA PHE A 103 40.27 -33.20 -20.41
C PHE A 103 40.79 -32.09 -21.33
N THR A 104 41.69 -31.28 -20.77
CA THR A 104 42.25 -30.07 -21.38
C THR A 104 43.48 -30.41 -22.21
N ASP A 105 44.38 -29.43 -22.38
CA ASP A 105 45.66 -29.65 -23.07
C ASP A 105 46.73 -30.17 -22.11
N TYR A 106 46.54 -29.94 -20.81
CA TYR A 106 47.51 -30.35 -19.79
C TYR A 106 47.97 -31.77 -20.05
N VAL A 107 47.04 -32.62 -20.50
CA VAL A 107 47.29 -34.03 -20.74
C VAL A 107 48.00 -34.34 -22.07
N ASN A 108 48.04 -33.37 -22.98
CA ASN A 108 48.80 -33.51 -24.22
C ASN A 108 50.32 -33.59 -24.04
N THR A 109 50.83 -33.09 -22.91
CA THR A 109 52.28 -33.06 -22.66
C THR A 109 52.67 -33.48 -21.24
N LYS A 110 51.72 -34.07 -20.50
CA LYS A 110 51.99 -34.56 -19.16
C LYS A 110 51.73 -36.07 -19.10
N CYS A 111 52.44 -36.73 -18.19
CA CYS A 111 52.39 -38.18 -18.06
C CYS A 111 52.20 -38.59 -16.58
N ASP A 112 51.75 -39.81 -16.35
CA ASP A 112 51.51 -40.32 -14.99
C ASP A 112 50.51 -39.42 -14.21
N VAL A 113 49.60 -38.79 -14.93
CA VAL A 113 48.63 -37.87 -14.33
C VAL A 113 47.67 -38.60 -13.37
N LYS A 114 47.46 -38.01 -12.19
CA LYS A 114 46.51 -38.54 -11.20
C LYS A 114 45.64 -37.40 -10.66
N ALA A 115 44.42 -37.70 -10.23
CA ALA A 115 43.51 -36.63 -9.82
C ALA A 115 42.59 -37.02 -8.66
N THR A 116 42.04 -36.00 -7.99
CA THR A 116 41.03 -36.18 -6.94
C THR A 116 39.87 -35.24 -7.15
N LEU A 117 38.71 -35.59 -6.62
CA LEU A 117 37.52 -34.78 -6.79
C LEU A 117 36.59 -34.99 -5.61
N THR A 118 36.00 -33.89 -5.13
CA THR A 118 34.92 -33.94 -4.17
C THR A 118 33.78 -33.06 -4.64
N MET A 119 32.58 -33.62 -4.67
CA MET A 119 31.43 -32.84 -5.07
C MET A 119 30.33 -32.97 -4.01
N PRO A 120 29.83 -31.84 -3.52
CA PRO A 120 28.64 -31.88 -2.65
C PRO A 120 27.46 -32.41 -3.43
N ALA A 121 26.62 -33.22 -2.82
CA ALA A 121 25.40 -33.65 -3.49
C ALA A 121 24.22 -33.66 -2.49
N TYR A 122 23.01 -33.59 -3.03
CA TYR A 122 21.84 -33.32 -2.20
C TYR A 122 20.74 -34.27 -2.56
N ILE A 123 19.95 -34.66 -1.56
CA ILE A 123 18.85 -35.60 -1.82
C ILE A 123 17.88 -34.84 -2.70
N ASP A 124 17.51 -35.43 -3.82
CA ASP A 124 16.61 -34.78 -4.75
C ASP A 124 15.15 -34.87 -4.28
N PRO A 125 14.44 -33.74 -4.30
CA PRO A 125 13.08 -33.67 -3.73
C PRO A 125 12.04 -34.41 -4.57
N GLU A 126 12.23 -34.46 -5.87
CA GLU A 126 11.28 -35.17 -6.72
C GLU A 126 11.44 -36.69 -6.64
N ASN A 127 12.67 -37.18 -6.56
CA ASN A 127 12.87 -38.62 -6.52
C ASN A 127 12.83 -39.19 -5.12
N VAL A 128 13.03 -38.36 -4.10
CA VAL A 128 12.92 -38.85 -2.73
C VAL A 128 11.89 -38.02 -2.02
N LYS A 129 10.61 -38.31 -2.30
CA LYS A 129 9.51 -37.51 -1.81
C LYS A 129 9.21 -37.76 -0.34
N LYS A 130 9.58 -38.96 0.12
CA LYS A 130 9.24 -39.42 1.46
C LYS A 130 10.45 -39.68 2.34
N THR A 131 10.25 -39.50 3.62
CA THR A 131 11.23 -39.92 4.60
C THR A 131 11.38 -41.44 4.55
N GLY A 132 12.61 -41.91 4.65
CA GLY A 132 12.93 -43.32 4.57
C GLY A 132 14.36 -43.56 4.13
N ASN A 133 14.79 -44.82 4.24
CA ASN A 133 16.13 -45.22 3.81
C ASN A 133 16.26 -45.12 2.33
N VAL A 134 17.49 -44.87 1.90
CA VAL A 134 17.82 -44.70 0.48
C VAL A 134 19.25 -45.19 0.30
N THR A 135 19.45 -46.07 -0.66
CA THR A 135 20.80 -46.51 -0.98
C THR A 135 21.34 -45.61 -2.08
N LEU A 136 22.36 -44.83 -1.77
CA LEU A 136 22.95 -43.93 -2.75
C LEU A 136 24.06 -44.64 -3.49
N ALA A 137 24.04 -44.59 -4.83
CA ALA A 137 25.09 -45.18 -5.66
C ALA A 137 25.66 -44.18 -6.66
N THR A 138 26.97 -43.97 -6.59
CA THR A 138 27.71 -43.17 -7.57
C THR A 138 28.95 -43.94 -8.04
N GLY A 139 29.46 -43.62 -9.22
CA GLY A 139 30.64 -44.30 -9.69
C GLY A 139 31.30 -43.78 -10.95
N ILE A 140 32.39 -44.43 -11.28
CA ILE A 140 33.08 -44.13 -12.52
C ILE A 140 33.49 -45.46 -13.13
N GLY A 141 32.90 -45.75 -14.28
CA GLY A 141 33.09 -47.01 -14.96
C GLY A 141 32.61 -48.19 -14.12
N SER A 142 33.52 -49.14 -13.89
CA SER A 142 33.19 -50.36 -13.20
C SER A 142 33.24 -50.25 -11.67
N THR A 143 33.67 -49.10 -11.16
CA THR A 143 33.78 -48.90 -9.74
C THR A 143 32.61 -48.04 -9.20
N THR A 144 31.68 -48.69 -8.49
CA THR A 144 30.54 -48.01 -7.88
C THR A 144 30.68 -48.08 -6.37
N ALA A 145 30.28 -47.03 -5.69
CA ALA A 145 30.19 -47.05 -4.23
C ALA A 145 28.72 -46.94 -3.83
N ASN A 146 28.30 -47.72 -2.84
CA ASN A 146 26.94 -47.63 -2.27
C ASN A 146 26.99 -47.26 -0.78
N LYS A 147 26.07 -46.40 -0.39
CA LYS A 147 25.90 -46.02 1.00
C LYS A 147 24.40 -45.92 1.22
N THR A 148 23.94 -46.62 2.23
CA THR A 148 22.53 -46.61 2.58
C THR A 148 22.34 -45.68 3.75
N VAL A 149 21.47 -44.72 3.57
CA VAL A 149 21.28 -43.66 4.52
C VAL A 149 19.79 -43.48 4.77
N LEU A 150 19.46 -42.98 5.96
CA LEU A 150 18.10 -42.59 6.29
C LEU A 150 17.92 -41.15 5.83
N VAL A 151 16.95 -40.90 4.94
CA VAL A 151 16.57 -39.53 4.60
C VAL A 151 15.40 -39.10 5.49
N ASP A 152 15.65 -38.10 6.33
CA ASP A 152 14.67 -37.67 7.30
C ASP A 152 14.34 -36.23 7.01
N TYR A 153 13.12 -36.02 6.50
CA TYR A 153 12.59 -34.67 6.25
C TYR A 153 11.94 -34.09 7.50
N GLU A 154 11.86 -34.87 8.56
CA GLU A 154 11.32 -34.39 9.83
C GLU A 154 9.90 -33.88 9.74
N LYS A 155 9.60 -32.83 10.52
CA LYS A 155 8.22 -32.48 10.83
C LYS A 155 8.03 -31.01 10.59
N TYR A 156 6.81 -30.62 10.25
CA TYR A 156 6.43 -29.22 10.26
C TYR A 156 6.42 -28.63 11.68
N GLY A 157 6.38 -27.30 11.75
CA GLY A 157 6.24 -26.59 13.01
C GLY A 157 4.77 -26.42 13.39
N LYS A 158 4.49 -26.39 14.68
CA LYS A 158 3.11 -26.42 15.19
C LYS A 158 3.03 -25.78 16.59
N PHE A 159 2.10 -24.85 16.75
CA PHE A 159 1.77 -24.24 18.00
C PHE A 159 0.24 -24.21 18.06
N TYR A 160 -0.32 -24.67 19.16
CA TYR A 160 -1.77 -24.88 19.25
C TYR A 160 -2.34 -25.51 17.98
N ASN A 161 -3.30 -24.85 17.32
CA ASN A 161 -3.83 -25.40 16.07
C ASN A 161 -3.18 -24.78 14.82
N LEU A 162 -1.99 -24.19 14.96
CA LEU A 162 -1.36 -23.54 13.82
C LEU A 162 -0.12 -24.29 13.37
N SER A 163 -0.20 -24.88 12.17
CA SER A 163 0.93 -25.60 11.63
C SER A 163 1.48 -24.98 10.33
N ILE A 164 2.80 -25.02 10.17
CA ILE A 164 3.48 -24.40 9.03
C ILE A 164 4.90 -24.88 8.92
N LYS A 165 5.31 -25.09 7.68
CA LYS A 165 6.71 -25.25 7.33
C LYS A 165 6.93 -24.71 5.93
N GLY A 166 8.18 -24.38 5.62
CA GLY A 166 8.52 -23.89 4.28
C GLY A 166 9.90 -24.35 3.82
N THR A 167 10.07 -24.41 2.51
CA THR A 167 11.34 -24.75 1.89
C THR A 167 11.76 -23.64 0.89
N ILE A 168 13.07 -23.50 0.67
CA ILE A 168 13.56 -22.61 -0.39
C ILE A 168 14.37 -23.40 -1.40
N ASP A 169 14.11 -23.20 -2.69
CA ASP A 169 15.00 -23.71 -3.73
C ASP A 169 15.04 -22.79 -4.97
N GLN A 170 15.59 -23.28 -6.07
CA GLN A 170 15.74 -22.48 -7.30
C GLN A 170 16.33 -21.10 -7.03
N ILE A 171 17.32 -21.02 -6.18
CA ILE A 171 17.98 -19.76 -5.97
C ILE A 171 18.85 -19.56 -7.20
N ASP A 172 18.61 -18.44 -7.87
CA ASP A 172 19.33 -18.09 -9.08
C ASP A 172 19.97 -16.71 -8.89
N LYS A 173 21.27 -16.71 -8.66
CA LYS A 173 21.98 -15.47 -8.31
C LYS A 173 22.40 -14.66 -9.53
N THR A 174 21.98 -15.10 -10.71
CA THR A 174 22.27 -14.35 -11.93
C THR A 174 21.01 -13.64 -12.44
N ASN A 175 19.88 -14.33 -12.46
CA ASN A 175 18.62 -13.67 -12.74
C ASN A 175 17.92 -13.11 -11.50
N ASN A 176 18.51 -13.28 -10.33
CA ASN A 176 17.99 -12.66 -9.11
C ASN A 176 16.57 -13.12 -8.67
N THR A 177 16.36 -14.44 -8.69
CA THR A 177 15.08 -15.02 -8.33
C THR A 177 15.29 -16.18 -7.35
N TYR A 178 14.18 -16.58 -6.71
CA TYR A 178 14.18 -17.70 -5.80
C TYR A 178 12.78 -18.27 -5.74
N ARG A 179 12.67 -19.51 -5.29
CA ARG A 179 11.36 -20.06 -4.98
C ARG A 179 11.25 -20.44 -3.50
N GLN A 180 10.04 -20.27 -2.97
CA GLN A 180 9.72 -20.72 -1.64
C GLN A 180 8.39 -21.44 -1.64
N THR A 181 8.39 -22.63 -1.06
CA THR A 181 7.21 -23.44 -1.04
C THR A 181 6.80 -23.64 0.39
N ILE A 182 5.56 -23.24 0.69
CA ILE A 182 5.07 -23.23 2.05
C ILE A 182 3.86 -24.10 2.17
N TYR A 183 3.89 -25.02 3.13
CA TYR A 183 2.68 -25.78 3.52
C TYR A 183 2.01 -25.06 4.66
N VAL A 184 0.77 -24.61 4.44
CA VAL A 184 -0.01 -23.99 5.52
C VAL A 184 -1.02 -24.98 6.08
N ASN A 185 -1.05 -25.13 7.40
CA ASN A 185 -1.93 -26.12 8.05
C ASN A 185 -1.75 -27.50 7.49
N PRO A 186 -0.53 -28.02 7.52
CA PRO A 186 -0.37 -29.41 7.09
C PRO A 186 -0.84 -30.41 8.13
N SER A 187 -1.04 -29.95 9.36
CA SER A 187 -1.57 -30.81 10.41
C SER A 187 -3.02 -31.24 10.17
N GLY A 188 -3.71 -30.57 9.25
CA GLY A 188 -5.14 -30.84 9.07
C GLY A 188 -5.96 -30.42 10.28
N ASP A 189 -5.62 -29.24 10.82
CA ASP A 189 -6.38 -28.62 11.90
C ASP A 189 -7.46 -27.74 11.34
N ASN A 190 -8.43 -27.43 12.18
CA ASN A 190 -9.34 -26.36 11.88
C ASN A 190 -8.69 -25.04 12.33
N VAL A 191 -8.65 -24.05 11.45
CA VAL A 191 -8.11 -22.75 11.81
C VAL A 191 -9.11 -21.71 11.39
N ILE A 192 -9.42 -20.78 12.28
CA ILE A 192 -10.39 -19.73 11.96
C ILE A 192 -9.69 -18.39 11.81
N ALA A 193 -10.10 -17.69 10.76
CA ALA A 193 -9.51 -16.41 10.38
C ALA A 193 -8.01 -16.58 10.10
N PRO A 194 -7.65 -17.59 9.30
CA PRO A 194 -6.23 -17.82 9.08
C PRO A 194 -5.62 -16.66 8.28
N VAL A 195 -4.48 -16.15 8.72
CA VAL A 195 -3.71 -15.19 7.90
C VAL A 195 -2.24 -15.62 7.78
N LEU A 196 -1.72 -15.69 6.56
CA LEU A 196 -0.28 -15.87 6.36
C LEU A 196 0.44 -14.57 5.97
N THR A 197 1.52 -14.27 6.67
CA THR A 197 2.38 -13.17 6.26
C THR A 197 3.76 -13.69 5.91
N GLY A 198 4.34 -13.10 4.87
CA GLY A 198 5.72 -13.46 4.46
C GLY A 198 6.60 -12.25 4.64
N ASN A 199 7.75 -12.45 5.28
CA ASN A 199 8.60 -11.35 5.71
C ASN A 199 10.06 -11.67 5.44
N LEU A 200 10.89 -10.70 5.68
CA LEU A 200 12.31 -10.95 5.95
C LEU A 200 12.51 -11.46 7.37
N LYS A 201 13.46 -12.36 7.57
CA LYS A 201 13.77 -12.81 8.89
C LYS A 201 14.35 -11.66 9.72
N PRO A 202 13.72 -11.33 10.85
CA PRO A 202 14.22 -10.21 11.67
C PRO A 202 15.71 -10.27 12.02
N ASN A 203 16.35 -9.11 12.05
CA ASN A 203 17.75 -8.94 12.47
C ASN A 203 18.76 -9.85 11.79
N THR A 204 18.47 -10.22 10.55
CA THR A 204 19.35 -11.06 9.77
C THR A 204 19.54 -10.37 8.44
N ASP A 205 20.74 -10.39 7.90
CA ASP A 205 20.96 -9.94 6.53
C ASP A 205 20.04 -10.73 5.56
N SER A 206 19.12 -10.04 4.88
CA SER A 206 18.31 -10.71 3.84
C SER A 206 18.07 -9.76 2.67
N ASN A 207 18.25 -10.29 1.46
CA ASN A 207 18.18 -9.45 0.28
C ASN A 207 16.97 -9.75 -0.59
N ALA A 208 15.94 -10.34 0.01
CA ALA A 208 14.71 -10.59 -0.75
C ALA A 208 13.98 -9.28 -0.94
N LEU A 209 13.43 -9.09 -2.14
CA LEU A 209 12.56 -7.94 -2.37
C LEU A 209 11.16 -8.50 -2.45
N ILE A 210 10.30 -8.11 -1.53
CA ILE A 210 8.96 -8.72 -1.43
C ILE A 210 7.96 -7.63 -1.66
N ASP A 211 7.22 -7.75 -2.75
CA ASP A 211 6.29 -6.68 -3.14
C ASP A 211 5.58 -7.15 -4.39
N GLN A 212 4.63 -6.35 -4.88
CA GLN A 212 3.68 -6.78 -5.92
C GLN A 212 4.35 -6.99 -7.28
N GLN A 213 5.39 -6.22 -7.54
CA GLN A 213 6.15 -6.40 -8.79
C GLN A 213 7.08 -7.57 -8.71
N ASN A 214 7.65 -7.86 -7.53
CA ASN A 214 8.75 -8.83 -7.43
C ASN A 214 8.37 -10.23 -6.96
N THR A 215 7.11 -10.39 -6.53
CA THR A 215 6.71 -11.55 -5.78
C THR A 215 5.42 -12.10 -6.37
N SER A 216 5.55 -13.18 -7.14
CA SER A 216 4.40 -13.92 -7.66
C SER A 216 3.97 -15.06 -6.70
N ILE A 217 2.73 -15.01 -6.26
CA ILE A 217 2.19 -15.94 -5.26
C ILE A 217 1.07 -16.77 -5.86
N LYS A 218 1.18 -18.09 -5.73
CA LYS A 218 0.07 -19.00 -6.10
C LYS A 218 -0.33 -19.82 -4.88
N VAL A 219 -1.62 -20.03 -4.69
CA VAL A 219 -2.14 -20.73 -3.51
C VAL A 219 -2.96 -21.94 -3.96
N TYR A 220 -2.57 -23.12 -3.48
CA TYR A 220 -3.27 -24.36 -3.85
C TYR A 220 -3.95 -25.01 -2.66
N LYS A 221 -5.19 -25.43 -2.86
CA LYS A 221 -5.93 -26.08 -1.79
C LYS A 221 -5.70 -27.59 -1.85
N VAL A 222 -5.37 -28.17 -0.69
CA VAL A 222 -5.07 -29.61 -0.60
C VAL A 222 -6.27 -30.40 -0.04
N ASP A 223 -7.03 -31.04 -0.92
CA ASP A 223 -8.21 -31.78 -0.50
C ASP A 223 -7.86 -33.18 -0.01
N ASN A 224 -6.59 -33.57 -0.15
CA ASN A 224 -6.13 -34.89 0.26
C ASN A 224 -4.69 -34.78 0.75
N ALA A 225 -4.51 -34.67 2.06
CA ALA A 225 -3.21 -34.39 2.66
C ALA A 225 -2.18 -35.46 2.34
N ALA A 226 -2.67 -36.65 2.02
CA ALA A 226 -1.79 -37.77 1.68
C ALA A 226 -0.94 -37.48 0.44
N ASP A 227 -1.46 -36.63 -0.44
CA ASP A 227 -0.74 -36.27 -1.67
C ASP A 227 0.46 -35.37 -1.45
N LEU A 228 0.57 -34.78 -0.25
CA LEU A 228 1.72 -33.95 0.04
C LEU A 228 3.01 -34.75 0.17
N SER A 229 4.01 -34.40 -0.62
CA SER A 229 5.35 -34.91 -0.42
C SER A 229 5.94 -34.32 0.87
N GLU A 230 6.82 -35.10 1.48
CA GLU A 230 7.56 -34.63 2.65
C GLU A 230 8.75 -33.81 2.23
N SER A 231 9.18 -34.00 0.98
CA SER A 231 10.36 -33.28 0.42
C SER A 231 10.02 -31.84 0.06
N TYR A 232 8.73 -31.53 -0.04
CA TYR A 232 8.23 -30.24 -0.51
C TYR A 232 8.33 -30.05 -2.04
N PHE A 233 8.67 -31.09 -2.79
CA PHE A 233 8.37 -31.08 -4.19
C PHE A 233 6.88 -30.94 -4.35
N VAL A 234 6.47 -30.00 -5.17
CA VAL A 234 5.06 -29.82 -5.51
C VAL A 234 4.86 -29.67 -7.02
N ASN A 235 3.94 -30.44 -7.55
CA ASN A 235 3.45 -30.23 -8.91
C ASN A 235 2.06 -29.64 -8.81
N PRO A 236 1.87 -28.41 -9.27
CA PRO A 236 0.60 -27.73 -9.10
C PRO A 236 -0.60 -28.47 -9.70
N GLU A 237 -0.36 -29.34 -10.69
CA GLU A 237 -1.42 -30.10 -11.35
C GLU A 237 -2.15 -31.12 -10.45
N ASN A 238 -1.62 -31.41 -9.27
CA ASN A 238 -2.25 -32.37 -8.37
C ASN A 238 -3.27 -31.72 -7.41
N PHE A 239 -3.29 -30.40 -7.39
CA PHE A 239 -4.09 -29.66 -6.43
C PHE A 239 -4.95 -28.65 -7.13
N GLU A 240 -5.86 -28.03 -6.38
CA GLU A 240 -6.79 -27.05 -6.91
C GLU A 240 -6.18 -25.65 -6.75
N ASP A 241 -6.08 -24.87 -7.83
CA ASP A 241 -5.52 -23.54 -7.76
C ASP A 241 -6.58 -22.58 -7.30
N VAL A 242 -6.47 -22.08 -6.08
CA VAL A 242 -7.47 -21.15 -5.56
C VAL A 242 -6.95 -19.73 -5.42
N THR A 243 -5.89 -19.42 -6.17
CA THR A 243 -5.23 -18.13 -6.06
C THR A 243 -6.24 -16.98 -6.12
N ASN A 244 -7.17 -17.04 -7.04
CA ASN A 244 -8.13 -15.96 -7.21
C ASN A 244 -9.21 -15.80 -6.14
N SER A 245 -9.32 -16.77 -5.24
CA SER A 245 -10.28 -16.68 -4.14
C SER A 245 -9.65 -16.17 -2.83
N VAL A 246 -8.34 -16.06 -2.74
CA VAL A 246 -7.73 -15.52 -1.50
C VAL A 246 -7.43 -14.06 -1.67
N ASN A 247 -7.15 -13.37 -0.57
CA ASN A 247 -6.73 -11.97 -0.61
C ASN A 247 -5.21 -11.89 -0.52
N ILE A 248 -4.56 -11.41 -1.57
CA ILE A 248 -3.12 -11.24 -1.56
C ILE A 248 -2.81 -9.75 -1.63
N THR A 249 -2.12 -9.26 -0.60
CA THR A 249 -1.72 -7.86 -0.54
C THR A 249 -0.30 -7.68 -0.05
N PHE A 250 0.16 -6.43 -0.02
CA PHE A 250 1.56 -6.10 0.24
C PHE A 250 1.60 -4.92 1.20
N PRO A 251 1.14 -5.17 2.43
CA PRO A 251 0.74 -4.13 3.35
C PRO A 251 1.90 -3.35 3.98
N ASN A 252 3.11 -3.87 3.91
CA ASN A 252 4.28 -3.21 4.47
C ASN A 252 5.53 -3.50 3.64
N PRO A 253 6.59 -2.71 3.82
CA PRO A 253 7.78 -2.89 2.96
C PRO A 253 8.28 -4.32 3.09
N ASN A 254 8.57 -4.95 1.96
CA ASN A 254 9.06 -6.31 1.96
C ASN A 254 8.20 -7.29 2.78
N GLN A 255 6.89 -7.13 2.73
CA GLN A 255 6.00 -8.10 3.32
C GLN A 255 4.81 -8.32 2.44
N TYR A 256 4.44 -9.59 2.32
CA TYR A 256 3.17 -9.98 1.70
C TYR A 256 2.26 -10.57 2.77
N LYS A 257 0.97 -10.55 2.48
CA LYS A 257 -0.05 -11.08 3.36
C LYS A 257 -1.04 -11.87 2.53
N VAL A 258 -1.39 -13.05 3.00
CA VAL A 258 -2.43 -13.84 2.34
C VAL A 258 -3.54 -14.19 3.33
N GLU A 259 -4.76 -13.71 3.09
CA GLU A 259 -5.92 -14.18 3.83
C GLU A 259 -6.66 -15.21 3.00
N PHE A 260 -6.94 -16.36 3.60
CA PHE A 260 -7.60 -17.43 2.86
C PHE A 260 -9.04 -17.11 2.57
N ASN A 261 -9.62 -16.24 3.38
CA ASN A 261 -10.92 -15.66 3.08
C ASN A 261 -12.09 -16.57 2.71
N THR A 262 -12.23 -17.71 3.40
CA THR A 262 -13.35 -18.62 3.11
C THR A 262 -14.70 -18.07 3.56
N PRO A 263 -15.78 -18.68 3.04
CA PRO A 263 -17.13 -18.23 3.41
C PRO A 263 -17.48 -18.35 4.89
N ASP A 264 -16.91 -19.34 5.57
CA ASP A 264 -17.18 -19.53 7.00
C ASP A 264 -15.98 -19.11 7.85
N ASP A 265 -15.03 -18.44 7.19
CA ASP A 265 -13.87 -17.85 7.83
C ASP A 265 -13.05 -18.88 8.62
N GLN A 266 -12.88 -20.03 8.01
CA GLN A 266 -12.02 -21.07 8.58
C GLN A 266 -11.52 -22.00 7.47
N ILE A 267 -10.41 -22.67 7.74
CA ILE A 267 -9.92 -23.68 6.86
C ILE A 267 -9.86 -25.00 7.62
N THR A 268 -10.07 -26.10 6.91
CA THR A 268 -10.00 -27.42 7.54
C THR A 268 -9.01 -28.33 6.80
N THR A 269 -8.33 -27.80 5.80
CA THR A 269 -7.42 -28.57 4.98
C THR A 269 -6.10 -27.84 4.88
N PRO A 270 -5.08 -28.52 4.35
CA PRO A 270 -3.84 -27.78 4.12
C PRO A 270 -3.93 -26.92 2.87
N TYR A 271 -3.10 -25.89 2.83
CA TYR A 271 -2.89 -25.12 1.62
C TYR A 271 -1.39 -25.06 1.32
N ILE A 272 -1.07 -25.10 0.04
CA ILE A 272 0.31 -24.88 -0.42
C ILE A 272 0.41 -23.49 -0.99
N VAL A 273 1.41 -22.76 -0.55
CA VAL A 273 1.68 -21.44 -1.10
C VAL A 273 3.05 -21.48 -1.77
N VAL A 274 3.06 -21.24 -3.08
CA VAL A 274 4.29 -21.22 -3.89
C VAL A 274 4.66 -19.78 -4.19
N VAL A 275 5.82 -19.37 -3.73
CA VAL A 275 6.22 -17.99 -3.88
C VAL A 275 7.40 -17.98 -4.82
N ASN A 276 7.22 -17.37 -5.98
CA ASN A 276 8.35 -17.07 -6.87
C ASN A 276 8.65 -15.57 -6.77
N GLY A 277 9.82 -15.28 -6.20
CA GLY A 277 10.21 -13.93 -5.86
C GLY A 277 11.57 -13.54 -6.45
N HIS A 278 12.06 -12.38 -6.04
CA HIS A 278 13.30 -11.86 -6.58
C HIS A 278 14.27 -11.51 -5.46
N ILE A 279 15.55 -11.50 -5.84
CA ILE A 279 16.63 -11.05 -5.01
C ILE A 279 17.08 -9.68 -5.48
N ASP A 280 17.53 -8.87 -4.54
CA ASP A 280 18.01 -7.55 -4.82
C ASP A 280 19.28 -7.63 -5.67
N PRO A 281 19.21 -7.14 -6.92
CA PRO A 281 20.39 -7.25 -7.81
C PRO A 281 21.61 -6.61 -7.19
N ASN A 282 21.42 -5.44 -6.57
CA ASN A 282 22.52 -4.71 -5.95
C ASN A 282 22.74 -5.15 -4.51
N SER A 283 23.17 -6.40 -4.38
CA SER A 283 23.43 -6.96 -3.07
C SER A 283 24.13 -8.31 -3.18
N LYS A 284 24.65 -8.75 -2.03
CA LYS A 284 25.28 -10.05 -1.79
C LYS A 284 24.29 -11.19 -2.02
N GLY A 285 22.99 -10.88 -1.97
CA GLY A 285 21.96 -11.88 -2.20
C GLY A 285 21.73 -12.88 -1.06
N ASP A 286 21.86 -12.41 0.17
CA ASP A 286 21.43 -13.21 1.31
C ASP A 286 19.91 -13.43 1.22
N LEU A 287 19.49 -14.61 1.63
CA LEU A 287 18.10 -15.00 1.64
C LEU A 287 17.71 -15.58 3.03
N ALA A 288 17.00 -14.78 3.81
CA ALA A 288 16.55 -15.19 5.14
C ALA A 288 15.11 -14.71 5.29
N LEU A 289 14.18 -15.65 5.38
CA LEU A 289 12.76 -15.32 5.30
C LEU A 289 12.02 -15.84 6.51
N ARG A 290 10.88 -15.23 6.80
CA ARG A 290 10.05 -15.69 7.90
C ARG A 290 8.66 -15.78 7.38
N SER A 291 8.03 -16.93 7.60
CA SER A 291 6.63 -17.15 7.23
C SER A 291 5.80 -17.35 8.52
N THR A 292 4.76 -16.53 8.67
CA THR A 292 3.97 -16.55 9.88
C THR A 292 2.51 -16.89 9.59
N LEU A 293 2.01 -17.89 10.31
CA LEU A 293 0.60 -18.25 10.26
C LEU A 293 -0.06 -17.78 11.53
N TYR A 294 -1.00 -16.85 11.35
CA TYR A 294 -1.85 -16.37 12.44
C TYR A 294 -3.17 -17.13 12.36
N GLY A 295 -3.84 -17.26 13.50
CA GLY A 295 -5.12 -17.95 13.53
C GLY A 295 -5.76 -18.04 14.90
N TYR A 296 -7.08 -18.10 14.90
CA TYR A 296 -7.86 -18.41 16.09
C TYR A 296 -8.02 -19.92 16.24
N ASN A 297 -8.17 -20.39 17.47
CA ASN A 297 -8.70 -21.73 17.73
C ASN A 297 -10.22 -21.65 18.02
N SER A 298 -10.80 -22.77 18.45
CA SER A 298 -12.22 -22.78 18.81
C SER A 298 -12.50 -21.78 19.93
N ASN A 299 -11.52 -21.57 20.80
CA ASN A 299 -11.68 -20.65 21.91
C ASN A 299 -11.53 -19.17 21.52
N ILE A 300 -11.18 -18.88 20.27
CA ILE A 300 -10.99 -17.49 19.84
C ILE A 300 -9.91 -16.81 20.70
N ILE A 301 -8.82 -17.53 20.96
CA ILE A 301 -7.59 -16.89 21.41
C ILE A 301 -6.70 -16.75 20.17
N TRP A 302 -6.16 -15.55 19.94
CA TRP A 302 -5.36 -15.22 18.73
C TRP A 302 -3.90 -15.67 18.91
N ARG A 303 -3.42 -16.52 18.01
CA ARG A 303 -2.07 -17.00 18.11
C ARG A 303 -1.32 -16.97 16.76
N SER A 304 -0.01 -17.13 16.78
CA SER A 304 0.72 -17.35 15.53
C SER A 304 1.88 -18.30 15.70
N MET A 305 2.11 -19.07 14.63
CA MET A 305 3.29 -19.89 14.50
C MET A 305 4.10 -19.38 13.31
N SER A 306 5.40 -19.31 13.46
CA SER A 306 6.24 -18.83 12.34
C SER A 306 7.37 -19.80 12.04
N TRP A 307 7.73 -19.87 10.76
CA TRP A 307 8.81 -20.73 10.30
C TRP A 307 9.89 -19.87 9.61
N ASP A 308 11.15 -20.09 9.96
CA ASP A 308 12.25 -19.35 9.36
C ASP A 308 12.96 -20.20 8.33
N ASN A 309 13.33 -19.57 7.21
CA ASN A 309 14.11 -20.23 6.17
C ASN A 309 15.41 -19.47 5.94
N GLU A 310 16.52 -20.17 6.10
CA GLU A 310 17.87 -19.70 5.72
C GLU A 310 18.53 -20.76 4.85
N VAL A 311 19.68 -20.43 4.26
CA VAL A 311 20.34 -21.39 3.38
C VAL A 311 21.84 -21.37 3.50
N ALA A 312 22.42 -22.49 3.11
CA ALA A 312 23.84 -22.68 3.14
C ALA A 312 24.27 -23.01 1.73
N PHE A 313 25.55 -22.83 1.45
CA PHE A 313 26.11 -23.09 0.12
C PHE A 313 27.39 -23.87 0.25
N ASN A 314 27.59 -24.86 -0.61
CA ASN A 314 28.81 -25.65 -0.56
C ASN A 314 29.57 -25.63 -1.87
N ASN A 315 30.87 -25.86 -1.82
CA ASN A 315 31.68 -25.95 -3.03
C ASN A 315 32.45 -27.22 -3.02
N GLY A 316 32.42 -27.93 -4.15
CA GLY A 316 33.34 -29.03 -4.36
C GLY A 316 34.72 -28.53 -4.73
N SER A 317 35.65 -29.47 -4.86
CA SER A 317 37.01 -29.14 -5.21
C SER A 317 37.61 -30.29 -6.02
N GLY A 318 38.72 -30.04 -6.70
CA GLY A 318 39.38 -31.07 -7.48
C GLY A 318 40.81 -30.73 -7.81
N SER A 319 41.73 -31.59 -7.41
CA SER A 319 43.16 -31.37 -7.61
C SER A 319 43.76 -32.54 -8.38
N GLY A 320 44.84 -32.25 -9.11
CA GLY A 320 45.53 -33.24 -9.92
C GLY A 320 47.00 -32.92 -10.09
N ASP A 321 47.83 -33.96 -10.09
CA ASP A 321 49.27 -33.80 -10.27
C ASP A 321 49.75 -34.60 -11.48
N GLY A 322 51.05 -34.50 -11.77
CA GLY A 322 51.65 -35.21 -12.89
C GLY A 322 53.12 -34.87 -13.04
N ILE A 323 53.74 -35.44 -14.07
CA ILE A 323 55.16 -35.21 -14.37
C ILE A 323 55.36 -34.96 -15.86
N ASP A 324 56.27 -34.03 -16.19
CA ASP A 324 56.69 -33.82 -17.56
C ASP A 324 57.33 -35.10 -18.06
N CYS A 325 57.00 -35.49 -19.29
CA CYS A 325 57.50 -36.75 -19.85
C CYS A 325 58.91 -36.57 -20.40
N GLN B 1 -27.70 -4.53 12.21
CA GLN B 1 -26.97 -3.84 11.10
C GLN B 1 -25.59 -3.32 11.55
N VAL B 2 -24.56 -3.53 10.74
CA VAL B 2 -23.20 -3.05 11.09
C VAL B 2 -23.13 -1.55 11.21
N GLN B 3 -22.72 -1.04 12.38
CA GLN B 3 -22.62 0.40 12.59
C GLN B 3 -21.30 0.80 13.26
N LEU B 4 -20.88 2.03 12.96
CA LEU B 4 -19.72 2.66 13.59
C LEU B 4 -20.01 4.14 13.85
N LYS B 5 -19.57 4.62 15.02
CA LYS B 5 -19.75 6.04 15.43
C LYS B 5 -18.54 6.51 16.21
N GLU B 6 -17.93 7.58 15.69
CA GLU B 6 -16.73 8.16 16.25
C GLU B 6 -17.11 9.20 17.28
N SER B 7 -16.50 9.18 18.46
CA SER B 7 -16.65 10.29 19.38
C SER B 7 -15.29 10.80 19.78
N GLY B 8 -15.21 12.10 20.05
CA GLY B 8 -14.00 12.66 20.57
C GLY B 8 -14.18 14.07 21.05
N PRO B 9 -13.07 14.76 21.30
CA PRO B 9 -13.20 16.13 21.69
C PRO B 9 -13.41 16.89 20.38
N GLY B 10 -13.89 18.11 20.47
CA GLY B 10 -14.02 18.92 19.26
C GLY B 10 -12.71 19.66 19.09
N LEU B 11 -12.20 20.22 20.18
CA LEU B 11 -11.04 21.06 20.17
C LEU B 11 -9.91 20.38 20.95
N VAL B 12 -8.68 20.49 20.44
CA VAL B 12 -7.53 19.96 21.17
C VAL B 12 -6.32 20.86 20.94
N LYS B 13 -5.61 21.19 22.02
CA LYS B 13 -4.44 22.07 21.94
C LYS B 13 -3.24 21.31 21.37
N PRO B 14 -2.28 22.04 20.76
CA PRO B 14 -1.10 21.36 20.25
C PRO B 14 -0.20 20.78 21.34
N SER B 15 -0.35 21.21 22.59
CA SER B 15 0.43 20.57 23.63
C SER B 15 -0.13 19.21 24.06
N GLN B 16 -1.32 18.86 23.58
CA GLN B 16 -2.03 17.72 24.11
C GLN B 16 -2.08 16.51 23.19
N THR B 17 -2.63 15.42 23.73
CA THR B 17 -2.82 14.19 22.98
C THR B 17 -4.24 14.10 22.45
N LEU B 18 -4.36 13.81 21.16
CA LEU B 18 -5.67 13.56 20.57
C LEU B 18 -6.14 12.14 20.94
N SER B 19 -7.37 12.02 21.42
CA SER B 19 -7.89 10.74 21.84
C SER B 19 -9.31 10.56 21.30
N ILE B 20 -9.46 9.67 20.32
CA ILE B 20 -10.76 9.40 19.70
C ILE B 20 -11.27 8.00 20.02
N THR B 21 -12.59 7.86 20.11
CA THR B 21 -13.20 6.57 20.30
C THR B 21 -14.17 6.20 19.17
N CYS B 22 -14.05 4.98 18.69
CA CYS B 22 -14.97 4.44 17.70
C CYS B 22 -15.83 3.35 18.38
N THR B 23 -17.12 3.62 18.53
CA THR B 23 -18.02 2.64 19.13
C THR B 23 -18.73 1.84 18.03
N ILE B 24 -18.62 0.51 18.15
CA ILE B 24 -18.99 -0.46 17.12
C ILE B 24 -20.27 -1.27 17.47
N SER B 25 -21.13 -1.54 16.49
CA SER B 25 -22.28 -2.47 16.64
C SER B 25 -22.52 -3.37 15.43
N GLY B 26 -23.25 -4.46 15.65
CA GLY B 26 -23.69 -5.35 14.57
C GLY B 26 -22.68 -6.40 14.08
N PHE B 27 -21.54 -6.47 14.75
CA PHE B 27 -20.53 -7.48 14.44
C PHE B 27 -19.60 -7.57 15.62
N SER B 28 -18.80 -8.63 15.68
CA SER B 28 -17.87 -8.80 16.77
C SER B 28 -16.48 -8.22 16.40
N LEU B 29 -15.96 -7.35 17.28
CA LEU B 29 -14.72 -6.63 16.99
C LEU B 29 -13.53 -7.56 16.87
N SER B 30 -13.62 -8.73 17.50
CA SER B 30 -12.54 -9.71 17.50
C SER B 30 -12.48 -10.50 16.20
N ARG B 31 -13.46 -10.29 15.33
CA ARG B 31 -13.56 -11.02 14.08
C ARG B 31 -13.40 -10.11 12.88
N TYR B 32 -13.34 -8.82 13.11
CA TYR B 32 -13.15 -7.88 12.03
C TYR B 32 -12.09 -6.83 12.38
N SER B 33 -11.29 -6.49 11.37
CA SER B 33 -10.40 -5.37 11.51
C SER B 33 -11.18 -4.07 11.34
N VAL B 34 -10.71 -3.04 12.02
CA VAL B 34 -11.26 -1.70 11.91
C VAL B 34 -10.14 -0.74 11.50
N HIS B 35 -10.45 0.14 10.54
CA HIS B 35 -9.51 1.15 10.09
C HIS B 35 -9.77 2.53 10.64
N TRP B 36 -8.72 3.35 10.69
CA TRP B 36 -8.85 4.79 10.92
C TRP B 36 -8.37 5.55 9.69
N VAL B 37 -9.13 6.57 9.28
CA VAL B 37 -8.83 7.37 8.09
C VAL B 37 -9.24 8.80 8.40
N ARG B 38 -8.49 9.77 7.92
CA ARG B 38 -8.79 11.17 8.22
C ARG B 38 -8.83 12.06 6.98
N GLN B 39 -9.43 13.24 7.15
CA GLN B 39 -9.68 14.13 6.04
C GLN B 39 -9.66 15.56 6.54
N PRO B 40 -8.57 16.28 6.29
CA PRO B 40 -8.51 17.72 6.56
C PRO B 40 -9.56 18.45 5.74
N PRO B 41 -10.09 19.56 6.27
CA PRO B 41 -11.00 20.44 5.53
C PRO B 41 -10.58 20.68 4.07
N GLY B 42 -11.43 20.31 3.12
CA GLY B 42 -11.18 20.61 1.71
C GLY B 42 -10.02 19.87 1.07
N LYS B 43 -9.61 18.75 1.66
CA LYS B 43 -8.52 17.96 1.11
C LYS B 43 -8.98 16.52 1.00
N GLY B 44 -8.10 15.65 0.55
CA GLY B 44 -8.44 14.24 0.36
C GLY B 44 -8.23 13.39 1.59
N LEU B 45 -8.33 12.10 1.41
CA LEU B 45 -8.35 11.17 2.51
C LEU B 45 -6.97 10.55 2.74
N GLU B 46 -6.73 10.23 4.00
CA GLU B 46 -5.47 9.65 4.42
C GLU B 46 -5.69 8.52 5.43
N TRP B 47 -5.36 7.31 5.01
CA TRP B 47 -5.31 6.15 5.89
C TRP B 47 -4.36 6.40 7.05
N LEU B 48 -4.77 6.07 8.27
CA LEU B 48 -3.89 6.26 9.43
C LEU B 48 -3.33 4.94 9.92
N GLY B 49 -4.15 3.91 9.86
CA GLY B 49 -3.79 2.59 10.38
C GLY B 49 -4.99 1.70 10.67
N MET B 50 -4.71 0.51 11.21
CA MET B 50 -5.76 -0.46 11.47
C MET B 50 -5.41 -1.38 12.61
N ILE B 51 -6.46 -1.92 13.25
CA ILE B 51 -6.30 -2.98 14.21
C ILE B 51 -7.02 -4.25 13.74
N TRP B 52 -6.29 -5.35 13.61
CA TRP B 52 -6.87 -6.63 13.20
C TRP B 52 -7.82 -7.15 14.29
N GLY B 53 -8.67 -8.11 13.94
CA GLY B 53 -9.55 -8.74 14.93
C GLY B 53 -8.77 -9.22 16.12
N GLY B 54 -7.63 -9.84 15.83
CA GLY B 54 -6.76 -10.43 16.84
C GLY B 54 -5.91 -9.47 17.66
N GLY B 55 -5.88 -8.21 17.24
CA GLY B 55 -5.16 -7.19 18.01
C GLY B 55 -3.93 -6.57 17.38
N ASN B 56 -3.39 -7.18 16.32
CA ASN B 56 -2.27 -6.58 15.59
C ASN B 56 -2.67 -5.23 15.04
N THR B 57 -1.68 -4.36 14.87
CA THR B 57 -1.93 -3.06 14.29
C THR B 57 -0.91 -2.81 13.18
N ASP B 58 -1.34 -2.06 12.18
CA ASP B 58 -0.46 -1.52 11.16
C ASP B 58 -0.71 -0.05 11.11
N TYR B 59 0.36 0.72 10.92
CA TYR B 59 0.25 2.17 10.89
C TYR B 59 0.73 2.73 9.57
N ASN B 60 0.24 3.92 9.24
CA ASN B 60 0.80 4.67 8.15
C ASN B 60 2.20 5.07 8.59
N SER B 61 3.17 4.68 7.78
CA SER B 61 4.58 4.90 8.04
C SER B 61 4.93 6.33 8.44
N ALA B 62 4.31 7.30 7.78
CA ALA B 62 4.58 8.71 8.05
C ALA B 62 4.05 9.23 9.40
N LEU B 63 3.22 8.45 10.10
CA LEU B 63 2.64 8.88 11.35
C LEU B 63 2.86 7.89 12.49
N LYS B 64 3.43 6.72 12.19
CA LYS B 64 3.60 5.68 13.23
C LYS B 64 4.23 6.21 14.54
N SER B 65 5.23 7.08 14.45
CA SER B 65 5.85 7.60 15.69
C SER B 65 4.89 8.39 16.60
N ARG B 66 3.82 8.93 16.03
CA ARG B 66 2.89 9.80 16.74
C ARG B 66 1.51 9.17 16.98
N LEU B 67 1.38 7.88 16.73
CA LEU B 67 0.07 7.30 16.59
C LEU B 67 -0.01 6.01 17.37
N SER B 68 -1.11 5.77 18.09
CA SER B 68 -1.36 4.46 18.68
C SER B 68 -2.84 4.07 18.55
N ILE B 69 -3.07 2.83 18.16
CA ILE B 69 -4.40 2.34 17.96
C ILE B 69 -4.53 1.15 18.90
N SER B 70 -5.66 1.11 19.62
CA SER B 70 -5.92 0.00 20.50
C SER B 70 -7.41 -0.20 20.60
N LYS B 71 -7.84 -1.19 21.38
CA LYS B 71 -9.26 -1.49 21.42
C LYS B 71 -9.62 -2.32 22.62
N ASP B 72 -10.92 -2.41 22.83
CA ASP B 72 -11.53 -3.22 23.88
C ASP B 72 -12.71 -3.93 23.24
N ASN B 73 -12.53 -5.20 22.90
CA ASN B 73 -13.64 -5.95 22.31
C ASN B 73 -14.82 -6.03 23.30
N SER B 74 -14.52 -6.22 24.59
CA SER B 74 -15.53 -6.28 25.64
C SER B 74 -16.57 -5.18 25.50
N LYS B 75 -16.11 -3.99 25.12
CA LYS B 75 -16.92 -2.77 25.17
C LYS B 75 -17.27 -2.27 23.79
N ASN B 76 -16.92 -3.07 22.78
CA ASN B 76 -17.16 -2.70 21.39
C ASN B 76 -16.46 -1.39 21.02
N GLN B 77 -15.36 -1.06 21.69
CA GLN B 77 -14.72 0.23 21.45
C GLN B 77 -13.38 0.06 20.72
N VAL B 78 -13.12 0.93 19.75
CA VAL B 78 -11.79 1.04 19.14
C VAL B 78 -11.21 2.44 19.42
N PHE B 79 -9.92 2.49 19.79
CA PHE B 79 -9.30 3.78 20.17
C PHE B 79 -8.15 4.26 19.25
N LEU B 80 -8.10 5.59 19.06
CA LEU B 80 -7.03 6.27 18.34
C LEU B 80 -6.41 7.35 19.23
N LYS B 81 -5.08 7.35 19.27
CA LYS B 81 -4.32 8.33 20.04
C LYS B 81 -3.23 8.97 19.15
N MET B 82 -3.11 10.28 19.24
CA MET B 82 -2.15 10.99 18.43
C MET B 82 -1.53 12.11 19.27
N ASN B 83 -0.20 12.09 19.36
CA ASN B 83 0.53 13.18 20.02
C ASN B 83 1.34 14.02 19.02
N SER B 84 2.05 15.03 19.54
CA SER B 84 2.83 16.00 18.76
C SER B 84 2.02 16.62 17.64
N LEU B 85 0.91 17.25 18.01
CA LEU B 85 -0.09 17.69 17.05
C LEU B 85 0.26 19.06 16.49
N THR B 86 -0.16 19.32 15.27
CA THR B 86 -0.08 20.66 14.72
C THR B 86 -1.39 20.98 14.03
N ALA B 87 -1.45 22.14 13.43
CA ALA B 87 -2.64 22.54 12.69
C ALA B 87 -2.92 21.55 11.58
N ALA B 88 -1.90 20.83 11.14
CA ALA B 88 -2.10 19.88 10.07
C ALA B 88 -2.92 18.67 10.51
N ASP B 89 -3.08 18.46 11.81
CA ASP B 89 -3.90 17.34 12.28
C ASP B 89 -5.39 17.68 12.47
N THR B 90 -5.77 18.93 12.20
CA THR B 90 -7.16 19.32 12.14
C THR B 90 -7.79 18.63 10.94
N ALA B 91 -8.79 17.81 11.23
CA ALA B 91 -9.39 16.90 10.23
C ALA B 91 -10.63 16.25 10.78
N VAL B 92 -11.42 15.70 9.87
CA VAL B 92 -12.49 14.79 10.23
C VAL B 92 -11.89 13.41 10.31
N TYR B 93 -12.00 12.78 11.47
CA TYR B 93 -11.52 11.43 11.71
C TYR B 93 -12.64 10.40 11.58
N TYR B 94 -12.41 9.40 10.73
CA TYR B 94 -13.34 8.30 10.51
C TYR B 94 -12.79 6.95 10.97
N CYS B 95 -13.64 6.13 11.56
CA CYS B 95 -13.38 4.70 11.59
C CYS B 95 -14.19 4.00 10.50
N ALA B 96 -13.75 2.82 10.10
CA ALA B 96 -14.36 2.14 8.96
C ALA B 96 -14.01 0.65 8.93
N ARG B 97 -14.80 -0.11 8.18
CA ARG B 97 -14.73 -1.56 8.23
C ARG B 97 -15.01 -2.14 6.88
N LYS B 98 -14.49 -3.33 6.65
CA LYS B 98 -14.61 -3.93 5.34
C LYS B 98 -15.97 -4.56 5.15
N GLY B 99 -16.20 -5.01 3.92
CA GLY B 99 -17.43 -5.69 3.56
C GLY B 99 -17.25 -7.15 3.93
N GLU B 100 -18.27 -7.95 3.70
CA GLU B 100 -18.20 -9.37 4.03
C GLU B 100 -17.26 -10.05 3.04
N PHE B 101 -16.84 -11.25 3.39
CA PHE B 101 -15.81 -11.98 2.66
C PHE B 101 -15.89 -11.86 1.15
N TYR B 102 -17.09 -11.81 0.59
CA TYR B 102 -17.22 -11.91 -0.86
C TYR B 102 -16.71 -10.66 -1.57
N TYR B 103 -16.40 -9.60 -0.81
CA TYR B 103 -15.81 -8.42 -1.42
C TYR B 103 -14.38 -8.73 -1.92
N GLY B 104 -13.72 -9.69 -1.28
CA GLY B 104 -12.41 -10.12 -1.72
C GLY B 104 -11.23 -9.30 -1.23
N TYR B 105 -11.47 -8.37 -0.32
CA TYR B 105 -10.40 -7.54 0.27
C TYR B 105 -10.86 -6.80 1.49
N ASP B 106 -9.89 -6.32 2.26
CA ASP B 106 -10.14 -5.59 3.50
C ASP B 106 -10.06 -4.08 3.26
N GLY B 107 -11.20 -3.44 3.09
CA GLY B 107 -11.22 -2.01 2.77
C GLY B 107 -12.30 -1.25 3.53
N PHE B 108 -12.76 -0.17 2.92
CA PHE B 108 -13.63 0.77 3.63
C PHE B 108 -15.05 0.78 3.04
N VAL B 109 -15.92 -0.06 3.59
CA VAL B 109 -17.27 -0.19 3.06
C VAL B 109 -18.24 0.49 4.00
N TYR B 110 -18.18 0.14 5.28
CA TYR B 110 -18.97 0.78 6.31
C TYR B 110 -18.15 1.88 7.00
N TRP B 111 -18.67 3.09 7.00
CA TRP B 111 -18.03 4.25 7.60
C TRP B 111 -18.87 4.80 8.73
N GLY B 112 -18.21 5.38 9.73
CA GLY B 112 -18.88 6.27 10.68
C GLY B 112 -19.17 7.61 10.04
N GLN B 113 -19.92 8.46 10.75
CA GLN B 113 -20.25 9.78 10.24
C GLN B 113 -19.07 10.72 10.33
N GLY B 114 -18.09 10.34 11.13
CA GLY B 114 -16.87 11.10 11.27
C GLY B 114 -16.98 12.10 12.41
N THR B 115 -15.83 12.52 12.94
CA THR B 115 -15.79 13.53 13.99
C THR B 115 -14.66 14.54 13.72
N LEU B 116 -15.02 15.82 13.62
CA LEU B 116 -14.09 16.91 13.40
C LEU B 116 -13.27 17.09 14.68
N VAL B 117 -11.96 17.11 14.50
CA VAL B 117 -11.03 17.50 15.54
C VAL B 117 -10.31 18.70 14.96
N THR B 118 -10.27 19.80 15.70
CA THR B 118 -9.49 20.92 15.25
C THR B 118 -8.45 21.18 16.31
N VAL B 119 -7.20 21.29 15.90
CA VAL B 119 -6.10 21.57 16.79
C VAL B 119 -5.94 23.06 16.85
N SER B 120 -6.01 23.61 18.06
CA SER B 120 -5.96 25.05 18.21
C SER B 120 -5.61 25.41 19.65
N SER B 121 -4.90 26.53 19.80
CA SER B 121 -4.53 27.10 21.09
C SER B 121 -5.50 28.19 21.54
N ALA B 122 -6.41 28.58 20.66
CA ALA B 122 -7.32 29.67 20.95
C ALA B 122 -8.26 29.38 22.10
N SER B 123 -8.68 30.46 22.77
CA SER B 123 -9.74 30.40 23.76
C SER B 123 -11.02 30.97 23.15
N THR B 124 -12.14 30.56 23.73
CA THR B 124 -13.45 31.05 23.34
C THR B 124 -13.48 32.57 23.33
N LYS B 125 -14.00 33.15 22.26
CA LYS B 125 -14.10 34.60 22.13
C LYS B 125 -15.28 34.91 21.25
N GLY B 126 -16.00 35.98 21.58
CA GLY B 126 -17.12 36.47 20.78
C GLY B 126 -16.68 37.36 19.64
N PRO B 127 -17.50 37.44 18.56
CA PRO B 127 -17.12 38.18 17.39
C PRO B 127 -17.37 39.67 17.52
N SER B 128 -16.52 40.47 16.90
CA SER B 128 -16.85 41.86 16.61
C SER B 128 -17.66 41.94 15.30
N VAL B 129 -18.74 42.70 15.31
CA VAL B 129 -19.58 42.81 14.12
C VAL B 129 -19.53 44.22 13.56
N PHE B 130 -18.93 44.36 12.38
CA PHE B 130 -18.75 45.65 11.72
C PHE B 130 -19.62 45.74 10.47
N PRO B 131 -20.18 46.92 10.20
CA PRO B 131 -20.98 47.09 9.00
C PRO B 131 -20.12 47.32 7.76
N LEU B 132 -20.40 46.60 6.69
CA LEU B 132 -19.88 46.92 5.38
C LEU B 132 -20.91 47.82 4.71
N ALA B 133 -20.62 49.12 4.64
CA ALA B 133 -21.62 50.11 4.25
C ALA B 133 -21.76 50.30 2.73
N PRO B 134 -22.98 50.60 2.28
CA PRO B 134 -23.25 50.83 0.84
C PRO B 134 -22.48 52.04 0.29
N ALA B 145 -25.11 46.49 -2.80
CA ALA B 145 -24.29 45.66 -1.89
C ALA B 145 -24.20 46.22 -0.46
N LEU B 146 -24.78 45.50 0.50
CA LEU B 146 -24.67 45.79 1.93
C LEU B 146 -24.22 44.54 2.71
N GLY B 147 -23.22 44.68 3.58
CA GLY B 147 -22.67 43.51 4.27
C GLY B 147 -22.35 43.72 5.74
N CYS B 148 -22.12 42.61 6.45
CA CYS B 148 -21.68 42.63 7.84
C CYS B 148 -20.38 41.85 7.97
N LEU B 149 -19.37 42.49 8.57
CA LEU B 149 -18.09 41.85 8.77
C LEU B 149 -18.03 41.29 10.19
N VAL B 150 -18.08 39.96 10.29
CA VAL B 150 -18.09 39.27 11.59
C VAL B 150 -16.68 38.77 11.94
N LYS B 151 -15.97 39.53 12.77
CA LYS B 151 -14.53 39.35 12.91
C LYS B 151 -14.07 38.85 14.28
N ASP B 152 -13.07 37.98 14.25
CA ASP B 152 -12.30 37.56 15.42
C ASP B 152 -13.11 36.80 16.49
N TYR B 153 -13.63 35.64 16.10
CA TYR B 153 -14.34 34.78 17.03
C TYR B 153 -13.80 33.35 17.07
N PHE B 154 -14.11 32.64 18.15
CA PHE B 154 -13.71 31.24 18.32
C PHE B 154 -14.56 30.52 19.36
N PRO B 155 -14.88 29.25 19.10
CA PRO B 155 -14.60 28.56 17.85
C PRO B 155 -15.68 28.86 16.82
N GLU B 156 -15.80 28.04 15.79
CA GLU B 156 -16.93 28.10 14.87
C GLU B 156 -18.11 27.38 15.51
N PRO B 157 -19.33 27.57 14.97
CA PRO B 157 -19.72 28.39 13.83
C PRO B 157 -20.33 29.74 14.18
N VAL B 158 -20.46 30.61 13.19
CA VAL B 158 -21.29 31.79 13.28
C VAL B 158 -22.56 31.50 12.52
N THR B 159 -23.70 31.94 13.04
CA THR B 159 -24.95 31.93 12.28
C THR B 159 -25.36 33.38 12.05
N VAL B 160 -25.72 33.71 10.80
CA VAL B 160 -26.09 35.07 10.46
C VAL B 160 -27.50 35.09 9.86
N SER B 161 -28.29 36.09 10.25
CA SER B 161 -29.61 36.30 9.66
C SER B 161 -29.71 37.74 9.24
N TRP B 162 -30.73 38.02 8.44
CA TRP B 162 -30.98 39.37 7.97
C TRP B 162 -32.43 39.77 8.24
N ASN B 163 -32.62 40.79 9.06
CA ASN B 163 -33.95 41.24 9.44
C ASN B 163 -34.72 40.09 10.06
N SER B 164 -34.13 39.53 11.11
CA SER B 164 -34.73 38.41 11.84
C SER B 164 -35.17 37.24 10.94
N GLY B 165 -34.69 37.19 9.71
CA GLY B 165 -34.97 36.09 8.79
C GLY B 165 -35.89 36.40 7.62
N ALA B 166 -36.17 37.69 7.39
CA ALA B 166 -37.06 38.07 6.30
C ALA B 166 -36.31 38.43 5.00
N LEU B 167 -35.06 38.88 5.13
CA LEU B 167 -34.25 39.21 3.95
C LEU B 167 -33.44 37.99 3.55
N THR B 168 -34.14 37.02 2.97
CA THR B 168 -33.54 35.76 2.58
C THR B 168 -32.96 35.79 1.15
N SER B 169 -33.57 36.60 0.26
CA SER B 169 -33.19 36.66 -1.16
C SER B 169 -31.96 37.52 -1.41
N GLY B 170 -31.02 37.01 -2.21
CA GLY B 170 -29.79 37.73 -2.54
C GLY B 170 -28.73 37.64 -1.47
N VAL B 171 -28.96 36.74 -0.51
CA VAL B 171 -28.12 36.60 0.67
C VAL B 171 -26.87 35.78 0.35
N HIS B 172 -25.70 36.33 0.65
CA HIS B 172 -24.44 35.58 0.50
C HIS B 172 -23.60 35.67 1.77
N THR B 173 -23.60 34.58 2.52
CA THR B 173 -22.84 34.51 3.75
C THR B 173 -21.71 33.48 3.56
N PHE B 174 -20.48 33.98 3.51
CA PHE B 174 -19.32 33.21 3.05
C PHE B 174 -18.77 32.27 4.11
N PRO B 175 -17.97 31.29 3.67
CA PRO B 175 -17.24 30.40 4.58
C PRO B 175 -16.23 31.18 5.38
N ALA B 176 -16.17 30.91 6.68
CA ALA B 176 -15.24 31.62 7.53
C ALA B 176 -13.81 31.31 7.09
N VAL B 177 -12.92 32.26 7.36
CA VAL B 177 -11.49 32.02 7.16
C VAL B 177 -10.75 32.12 8.52
N LEU B 178 -9.76 31.24 8.69
CA LEU B 178 -8.95 31.15 9.90
C LEU B 178 -7.80 32.12 9.75
N GLN B 179 -7.80 33.19 10.54
CA GLN B 179 -6.72 34.15 10.51
C GLN B 179 -5.47 33.62 11.20
N SER B 180 -4.33 34.23 10.92
CA SER B 180 -3.05 33.78 11.50
C SER B 180 -3.11 33.93 13.02
N SER B 181 -3.93 34.86 13.50
CA SER B 181 -4.18 35.00 14.94
C SER B 181 -4.75 33.74 15.59
N GLY B 182 -5.37 32.86 14.82
CA GLY B 182 -6.08 31.70 15.36
C GLY B 182 -7.58 31.95 15.52
N LEU B 183 -8.04 33.15 15.18
CA LEU B 183 -9.45 33.49 15.24
C LEU B 183 -10.06 33.52 13.83
N TYR B 184 -11.38 33.36 13.78
CA TYR B 184 -12.08 33.32 12.53
C TYR B 184 -12.71 34.66 12.22
N SER B 185 -12.94 34.90 10.94
CA SER B 185 -13.80 36.00 10.52
C SER B 185 -14.55 35.58 9.27
N LEU B 186 -15.71 36.21 9.06
CA LEU B 186 -16.54 35.96 7.90
C LEU B 186 -17.29 37.23 7.51
N SER B 187 -17.63 37.31 6.22
CA SER B 187 -18.38 38.41 5.65
C SER B 187 -19.74 37.87 5.23
N SER B 188 -20.80 38.62 5.50
CA SER B 188 -22.13 38.28 5.02
C SER B 188 -22.67 39.48 4.25
N VAL B 189 -23.23 39.22 3.07
CA VAL B 189 -23.62 40.28 2.14
C VAL B 189 -25.02 40.04 1.56
N VAL B 190 -25.71 41.14 1.27
CA VAL B 190 -27.00 41.09 0.59
C VAL B 190 -27.00 42.15 -0.51
N THR B 191 -27.51 41.80 -1.69
CA THR B 191 -27.67 42.77 -2.78
C THR B 191 -29.01 43.53 -2.64
N VAL B 192 -28.93 44.87 -2.77
CA VAL B 192 -30.13 45.73 -2.68
C VAL B 192 -30.18 46.78 -3.80
N PRO B 193 -31.36 47.40 -4.01
CA PRO B 193 -31.48 48.61 -4.85
C PRO B 193 -30.62 49.77 -4.34
N SER B 195 -32.94 52.31 -1.43
CA SER B 195 -32.39 51.71 -0.21
C SER B 195 -33.38 51.78 0.96
N SER B 196 -33.74 52.99 1.38
CA SER B 196 -34.63 53.21 2.52
C SER B 196 -36.02 52.60 2.28
N TYR B 202 -32.46 45.82 7.14
CA TYR B 202 -31.25 46.62 7.14
C TYR B 202 -30.39 46.32 8.37
N ILE B 203 -30.65 45.17 9.00
CA ILE B 203 -29.95 44.80 10.24
C ILE B 203 -29.60 43.32 10.23
N CYS B 204 -28.33 43.00 10.41
CA CYS B 204 -27.87 41.61 10.41
C CYS B 204 -27.93 41.07 11.84
N ASN B 205 -28.44 39.85 11.97
CA ASN B 205 -28.64 39.22 13.29
C ASN B 205 -27.63 38.09 13.47
N VAL B 206 -26.57 38.35 14.23
CA VAL B 206 -25.47 37.41 14.36
C VAL B 206 -25.50 36.72 15.74
N ASN B 207 -25.50 35.38 15.72
CA ASN B 207 -25.36 34.57 16.94
C ASN B 207 -24.10 33.69 16.91
N HIS B 208 -23.65 33.30 18.09
CA HIS B 208 -22.45 32.50 18.26
C HIS B 208 -22.61 31.75 19.58
N LYS B 209 -23.15 30.53 19.51
CA LYS B 209 -23.57 29.79 20.69
C LYS B 209 -22.53 29.76 21.81
N PRO B 210 -21.29 29.39 21.48
CA PRO B 210 -20.33 29.04 22.54
C PRO B 210 -19.79 30.22 23.36
N SER B 211 -20.20 31.44 23.07
CA SER B 211 -19.84 32.60 23.89
C SER B 211 -21.06 33.36 24.39
N ASN B 212 -22.25 32.76 24.27
CA ASN B 212 -23.51 33.41 24.65
C ASN B 212 -23.65 34.81 24.05
N THR B 213 -23.05 35.03 22.88
CA THR B 213 -23.10 36.33 22.21
C THR B 213 -24.27 36.44 21.23
N LYS B 214 -24.80 37.65 21.09
CA LYS B 214 -25.78 37.97 20.07
C LYS B 214 -25.59 39.45 19.70
N VAL B 215 -25.48 39.72 18.41
CA VAL B 215 -25.30 41.10 17.94
C VAL B 215 -26.28 41.41 16.83
N ASP B 216 -26.60 42.68 16.66
CA ASP B 216 -27.50 43.13 15.59
C ASP B 216 -27.05 44.50 15.10
N LYS B 217 -26.17 44.55 14.12
CA LYS B 217 -25.69 45.83 13.58
C LYS B 217 -26.61 46.30 12.45
N ARG B 218 -26.59 47.61 12.18
CA ARG B 218 -27.45 48.19 11.15
C ARG B 218 -26.67 48.62 9.89
N ALA B 219 -27.40 49.01 8.85
CA ALA B 219 -26.80 49.45 7.59
C ALA B 219 -26.97 50.96 7.35
N GLU B 220 -25.95 51.57 6.76
CA GLU B 220 -25.98 53.00 6.46
C GLU B 220 -26.82 53.29 5.20
N ASP C 1 5.56 3.84 -1.87
CA ASP C 1 4.21 4.44 -1.84
C ASP C 1 3.65 4.56 -3.24
N ILE C 2 2.60 3.81 -3.52
CA ILE C 2 1.85 4.02 -4.75
C ILE C 2 1.04 5.31 -4.66
N VAL C 3 1.39 6.28 -5.51
CA VAL C 3 0.73 7.60 -5.55
C VAL C 3 -0.36 7.68 -6.62
N MET C 4 -1.51 8.22 -6.21
CA MET C 4 -2.71 8.22 -7.02
C MET C 4 -2.99 9.65 -7.37
N THR C 5 -3.08 9.93 -8.66
CA THR C 5 -3.29 11.30 -9.13
C THR C 5 -4.49 11.36 -10.07
N GLN C 6 -5.41 12.27 -9.77
CA GLN C 6 -6.58 12.50 -10.60
C GLN C 6 -6.43 13.80 -11.43
N SER C 7 -6.66 13.69 -12.75
CA SER C 7 -6.25 14.67 -13.78
C SER C 7 -7.05 15.96 -13.80
N PRO C 8 -8.38 15.85 -13.91
CA PRO C 8 -9.16 17.06 -13.80
C PRO C 8 -9.60 17.30 -12.36
N ASP C 9 -9.06 18.34 -11.72
CA ASP C 9 -9.41 18.72 -10.35
C ASP C 9 -10.88 19.11 -10.28
N SER C 10 -11.31 19.93 -11.21
CA SER C 10 -12.71 20.32 -11.27
C SER C 10 -13.32 19.95 -12.63
N LEU C 11 -14.60 19.59 -12.62
CA LEU C 11 -15.26 19.21 -13.86
C LEU C 11 -16.67 19.80 -13.96
N ALA C 12 -16.89 20.59 -15.00
CA ALA C 12 -18.20 21.21 -15.26
C ALA C 12 -19.09 20.30 -16.12
N VAL C 13 -20.27 19.98 -15.59
CA VAL C 13 -21.15 18.96 -16.15
C VAL C 13 -22.50 19.59 -16.53
N SER C 14 -23.12 19.02 -17.57
CA SER C 14 -24.46 19.37 -18.00
C SER C 14 -25.38 18.28 -17.52
N LEU C 15 -26.40 18.62 -16.74
CA LEU C 15 -27.28 17.60 -16.16
C LEU C 15 -27.91 16.71 -17.24
N GLY C 16 -27.40 15.48 -17.39
CA GLY C 16 -27.90 14.54 -18.43
C GLY C 16 -26.83 13.95 -19.33
N GLU C 17 -25.65 14.59 -19.33
CA GLU C 17 -24.55 14.22 -20.22
C GLU C 17 -23.54 13.22 -19.64
N ARG C 18 -22.62 12.78 -20.48
CA ARG C 18 -21.64 11.74 -20.13
C ARG C 18 -20.35 12.31 -19.53
N VAL C 19 -20.17 12.11 -18.22
CA VAL C 19 -18.97 12.58 -17.53
C VAL C 19 -17.97 11.45 -17.30
N THR C 20 -16.73 11.63 -17.76
CA THR C 20 -15.65 10.71 -17.43
C THR C 20 -14.58 11.40 -16.53
N MET C 21 -14.07 10.68 -15.53
CA MET C 21 -12.97 11.19 -14.67
C MET C 21 -11.77 10.26 -14.73
N ASN C 22 -10.57 10.82 -14.81
CA ASN C 22 -9.34 10.03 -14.84
C ASN C 22 -8.68 9.89 -13.45
N CYS C 23 -8.06 8.74 -13.26
CA CYS C 23 -7.24 8.46 -12.10
C CYS C 23 -6.05 7.65 -12.61
N LYS C 24 -4.87 7.97 -12.09
CA LYS C 24 -3.63 7.35 -12.54
C LYS C 24 -2.80 6.94 -11.34
N SER C 25 -2.08 5.83 -11.45
CA SER C 25 -1.24 5.37 -10.35
C SER C 25 0.23 5.37 -10.76
N SER C 26 1.12 5.67 -9.81
CA SER C 26 2.54 5.84 -10.11
C SER C 26 3.25 4.51 -10.34
N GLN C 27 2.67 3.43 -9.84
CA GLN C 27 3.05 2.05 -10.18
C GLN C 27 1.78 1.27 -10.47
N SER C 28 1.93 0.16 -11.18
CA SER C 28 0.77 -0.64 -11.56
C SER C 28 0.09 -1.16 -10.34
N VAL C 29 -1.24 -1.15 -10.36
CA VAL C 29 -2.04 -1.76 -9.31
C VAL C 29 -2.71 -3.08 -9.78
N LEU C 30 -2.29 -3.58 -10.94
CA LEU C 30 -2.71 -4.91 -11.42
C LEU C 30 -1.66 -5.90 -10.94
N TYR C 31 -2.05 -6.81 -10.07
CA TYR C 31 -1.13 -7.81 -9.56
C TYR C 31 -1.23 -8.94 -10.55
N SER C 32 -0.08 -9.41 -11.02
CA SER C 32 -0.02 -10.26 -12.20
C SER C 32 -0.56 -11.67 -11.92
N SER C 33 -0.42 -12.10 -10.68
CA SER C 33 -0.78 -13.46 -10.33
C SER C 33 -2.30 -13.71 -10.34
N ASN C 34 -3.09 -12.77 -9.84
CA ASN C 34 -4.52 -12.98 -9.80
C ASN C 34 -5.24 -12.16 -10.86
N GLN C 35 -4.49 -11.30 -11.54
CA GLN C 35 -5.02 -10.43 -12.62
C GLN C 35 -6.08 -9.45 -12.13
N LYS C 36 -5.96 -9.03 -10.88
CA LYS C 36 -6.88 -8.06 -10.31
C LYS C 36 -6.24 -6.69 -10.17
N ASN C 37 -7.00 -5.65 -10.48
CA ASN C 37 -6.60 -4.28 -10.30
C ASN C 37 -7.15 -3.81 -8.98
N TYR C 38 -6.28 -3.50 -8.05
CA TYR C 38 -6.74 -3.19 -6.70
C TYR C 38 -7.12 -1.72 -6.65
N LEU C 39 -8.27 -1.38 -7.25
CA LEU C 39 -8.73 0.00 -7.39
C LEU C 39 -10.20 0.21 -7.06
N ALA C 40 -10.47 1.23 -6.26
CA ALA C 40 -11.82 1.57 -5.87
C ALA C 40 -12.12 3.03 -6.20
N TRP C 41 -13.41 3.36 -6.36
CA TRP C 41 -13.84 4.75 -6.53
C TRP C 41 -14.85 5.08 -5.44
N TYR C 42 -14.75 6.29 -4.91
CA TYR C 42 -15.64 6.75 -3.86
C TYR C 42 -16.34 8.04 -4.26
N GLN C 43 -17.58 8.20 -3.81
CA GLN C 43 -18.31 9.46 -3.91
C GLN C 43 -18.39 10.10 -2.54
N GLN C 44 -18.29 11.42 -2.48
CA GLN C 44 -18.51 12.13 -1.22
C GLN C 44 -19.30 13.41 -1.37
N LYS C 45 -20.34 13.56 -0.56
CA LYS C 45 -21.04 14.83 -0.46
C LYS C 45 -20.50 15.60 0.79
N PRO C 46 -20.57 16.95 0.75
CA PRO C 46 -19.95 17.90 1.67
C PRO C 46 -19.93 17.57 3.17
N GLY C 47 -21.03 17.06 3.73
CA GLY C 47 -21.00 16.76 5.17
C GLY C 47 -21.05 15.29 5.53
N GLN C 48 -20.81 14.42 4.57
CA GLN C 48 -21.07 13.00 4.75
C GLN C 48 -19.81 12.18 4.52
N SER C 49 -19.83 10.94 5.00
CA SER C 49 -18.75 10.03 4.77
C SER C 49 -18.74 9.52 3.33
N PRO C 50 -17.55 9.20 2.81
CA PRO C 50 -17.43 8.69 1.44
C PRO C 50 -18.30 7.44 1.20
N LYS C 51 -18.64 7.18 -0.05
CA LYS C 51 -19.49 6.02 -0.34
C LYS C 51 -18.90 5.23 -1.49
N LEU C 52 -18.69 3.95 -1.24
CA LEU C 52 -18.07 3.07 -2.23
C LEU C 52 -18.99 2.88 -3.42
N LEU C 53 -18.45 3.18 -4.59
CA LEU C 53 -19.17 3.08 -5.83
C LEU C 53 -18.72 1.86 -6.64
N ILE C 54 -17.41 1.67 -6.68
CA ILE C 54 -16.75 0.74 -7.57
C ILE C 54 -15.48 0.17 -6.93
N TYR C 55 -15.28 -1.15 -7.00
CA TYR C 55 -14.05 -1.80 -6.52
C TYR C 55 -13.55 -2.86 -7.54
N TRP C 56 -12.31 -3.33 -7.38
CA TRP C 56 -11.64 -4.15 -8.42
C TRP C 56 -11.71 -3.50 -9.82
N ALA C 57 -11.61 -2.17 -9.84
CA ALA C 57 -11.70 -1.37 -11.07
C ALA C 57 -13.09 -1.29 -11.67
N SER C 58 -13.74 -2.44 -11.87
CA SER C 58 -15.03 -2.47 -12.59
C SER C 58 -16.22 -3.16 -11.90
N THR C 59 -16.08 -3.54 -10.63
CA THR C 59 -17.18 -4.21 -9.97
C THR C 59 -18.06 -3.20 -9.28
N ARG C 60 -19.30 -3.07 -9.75
CA ARG C 60 -20.22 -2.09 -9.21
C ARG C 60 -20.67 -2.54 -7.83
N GLU C 61 -20.67 -1.61 -6.89
CA GLU C 61 -21.07 -1.93 -5.53
C GLU C 61 -22.62 -2.00 -5.48
N SER C 62 -23.15 -2.89 -4.65
CA SER C 62 -24.60 -3.05 -4.60
C SER C 62 -25.25 -1.70 -4.27
N GLY C 63 -26.44 -1.46 -4.79
CA GLY C 63 -27.16 -0.22 -4.49
C GLY C 63 -26.80 0.95 -5.38
N VAL C 64 -25.56 1.00 -5.87
CA VAL C 64 -25.10 2.05 -6.78
C VAL C 64 -25.82 1.97 -8.15
N PRO C 65 -26.26 3.11 -8.69
CA PRO C 65 -26.96 3.19 -9.98
C PRO C 65 -26.13 2.69 -11.16
N ASP C 66 -26.82 2.14 -12.18
CA ASP C 66 -26.22 1.53 -13.38
C ASP C 66 -25.49 2.50 -14.37
N ARG C 67 -25.77 3.86 -14.02
CA ARG C 67 -25.14 4.94 -14.78
C ARG C 67 -23.66 5.10 -14.40
N PHE C 68 -23.26 4.54 -13.26
CA PHE C 68 -21.86 4.55 -12.86
C PHE C 68 -21.20 3.28 -13.35
N SER C 69 -20.07 3.45 -14.05
CA SER C 69 -19.21 2.31 -14.37
C SER C 69 -17.73 2.69 -14.24
N GLY C 70 -16.87 1.70 -14.10
CA GLY C 70 -15.45 1.95 -13.99
C GLY C 70 -14.71 1.06 -14.96
N SER C 71 -13.66 1.60 -15.56
CA SER C 71 -12.84 0.82 -16.48
C SER C 71 -11.38 1.17 -16.29
N GLY C 72 -10.53 0.46 -17.00
CA GLY C 72 -9.10 0.67 -16.90
C GLY C 72 -8.39 -0.56 -16.36
N SER C 73 -7.06 -0.50 -16.40
CA SER C 73 -6.18 -1.61 -16.06
C SER C 73 -4.75 -1.10 -15.85
N GLY C 74 -4.05 -1.66 -14.87
CA GLY C 74 -2.63 -1.33 -14.71
C GLY C 74 -2.40 -0.01 -13.99
N THR C 75 -2.22 1.08 -14.75
CA THR C 75 -1.95 2.39 -14.16
C THR C 75 -2.95 3.48 -14.57
N ASP C 76 -3.87 3.16 -15.48
CA ASP C 76 -4.83 4.16 -15.95
C ASP C 76 -6.29 3.72 -15.75
N PHE C 77 -7.11 4.57 -15.15
CA PHE C 77 -8.45 4.14 -14.76
C PHE C 77 -9.42 5.26 -14.97
N THR C 78 -10.70 4.91 -15.14
CA THR C 78 -11.74 5.87 -15.47
C THR C 78 -13.04 5.57 -14.75
N LEU C 79 -13.67 6.60 -14.21
CA LEU C 79 -15.01 6.52 -13.66
C LEU C 79 -15.94 7.23 -14.60
N THR C 80 -16.97 6.53 -15.06
CA THR C 80 -17.95 7.10 -15.97
C THR C 80 -19.32 7.22 -15.28
N ILE C 81 -20.00 8.34 -15.66
CA ILE C 81 -21.42 8.47 -15.39
C ILE C 81 -22.08 8.57 -16.74
N SER C 82 -22.92 7.58 -17.04
CA SER C 82 -23.64 7.52 -18.32
C SER C 82 -24.43 8.81 -18.58
N SER C 83 -25.23 9.26 -17.61
CA SER C 83 -25.93 10.55 -17.70
C SER C 83 -26.09 11.17 -16.31
N VAL C 84 -25.49 12.34 -16.10
CA VAL C 84 -25.36 12.95 -14.77
C VAL C 84 -26.67 13.50 -14.19
N GLN C 85 -27.01 13.07 -12.98
CA GLN C 85 -28.19 13.58 -12.25
C GLN C 85 -27.87 14.55 -11.09
N ALA C 86 -28.92 15.21 -10.61
CA ALA C 86 -28.80 16.21 -9.54
C ALA C 86 -27.97 15.68 -8.37
N GLU C 87 -28.21 14.43 -8.00
CA GLU C 87 -27.52 13.82 -6.88
C GLU C 87 -26.06 13.45 -7.18
N ASP C 88 -25.64 13.52 -8.44
CA ASP C 88 -24.28 13.11 -8.81
C ASP C 88 -23.27 14.19 -8.53
N LEU C 89 -23.76 15.39 -8.23
CA LEU C 89 -22.92 16.52 -7.93
C LEU C 89 -22.24 16.26 -6.60
N ALA C 90 -20.94 16.03 -6.67
CA ALA C 90 -20.17 15.62 -5.51
C ALA C 90 -18.69 15.55 -5.87
N VAL C 91 -17.90 15.04 -4.93
CA VAL C 91 -16.50 14.76 -5.15
C VAL C 91 -16.34 13.26 -5.37
N TYR C 92 -15.40 12.91 -6.23
CA TYR C 92 -15.07 11.52 -6.48
C TYR C 92 -13.57 11.24 -6.27
N TYR C 93 -13.28 10.19 -5.50
CA TYR C 93 -11.90 9.80 -5.19
C TYR C 93 -11.67 8.38 -5.64
N CYS C 94 -10.53 8.14 -6.28
CA CYS C 94 -10.04 6.80 -6.49
C CYS C 94 -9.13 6.43 -5.34
N HIS C 95 -8.70 5.16 -5.33
CA HIS C 95 -8.08 4.54 -4.16
C HIS C 95 -7.55 3.15 -4.54
N GLN C 96 -6.35 2.86 -4.08
CA GLN C 96 -5.72 1.57 -4.28
C GLN C 96 -5.45 0.92 -2.92
N TYR C 97 -5.51 -0.41 -2.90
CA TYR C 97 -5.42 -1.19 -1.71
C TYR C 97 -4.52 -2.40 -1.89
N LEU C 98 -3.65 -2.35 -2.91
CA LEU C 98 -2.68 -3.42 -3.14
C LEU C 98 -1.47 -3.27 -2.25
N SER C 99 -0.97 -2.04 -2.11
CA SER C 99 0.25 -1.75 -1.34
C SER C 99 -0.14 -0.73 -0.29
N SER C 100 -0.48 -1.22 0.89
CA SER C 100 -1.18 -0.40 1.89
C SER C 100 -2.40 0.29 1.25
N TYR C 101 -2.74 1.49 1.75
CA TYR C 101 -3.91 2.25 1.33
C TYR C 101 -3.62 3.72 0.98
N THR C 102 -3.89 4.10 -0.25
CA THR C 102 -3.72 5.48 -0.70
C THR C 102 -4.88 5.97 -1.56
N PHE C 103 -5.10 7.28 -1.50
CA PHE C 103 -6.18 7.93 -2.21
C PHE C 103 -5.66 9.01 -3.16
N GLY C 104 -6.45 9.25 -4.22
CA GLY C 104 -6.22 10.39 -5.10
C GLY C 104 -6.78 11.69 -4.52
N GLY C 105 -6.40 12.81 -5.14
CA GLY C 105 -6.79 14.15 -4.68
C GLY C 105 -8.22 14.52 -5.05
N GLY C 106 -8.85 13.69 -5.87
CA GLY C 106 -10.25 13.87 -6.16
C GLY C 106 -10.60 14.79 -7.29
N THR C 107 -11.85 14.65 -7.74
CA THR C 107 -12.41 15.44 -8.84
C THR C 107 -13.78 15.96 -8.42
N LYS C 108 -13.91 17.27 -8.30
CA LYS C 108 -15.20 17.89 -7.99
C LYS C 108 -16.06 18.11 -9.26
N LEU C 109 -17.31 17.63 -9.24
CA LEU C 109 -18.27 17.99 -10.28
C LEU C 109 -19.00 19.28 -9.95
N GLU C 110 -19.05 20.19 -10.92
CA GLU C 110 -19.87 21.39 -10.83
C GLU C 110 -20.77 21.47 -12.06
N ILE C 111 -21.87 22.20 -11.95
CA ILE C 111 -22.78 22.43 -13.08
C ILE C 111 -22.24 23.48 -14.05
N LYS C 112 -22.24 23.15 -15.33
CA LYS C 112 -21.80 24.07 -16.37
C LYS C 112 -22.91 25.06 -16.73
N ARG C 113 -22.53 26.32 -16.93
CA ARG C 113 -23.45 27.35 -17.38
C ARG C 113 -22.69 28.37 -18.21
N THR C 114 -23.40 29.38 -18.68
CA THR C 114 -22.78 30.39 -19.50
C THR C 114 -21.88 31.30 -18.65
N VAL C 115 -20.91 31.94 -19.30
CA VAL C 115 -20.00 32.84 -18.61
C VAL C 115 -20.82 34.00 -18.01
N ALA C 116 -20.45 34.47 -16.82
CA ALA C 116 -21.10 35.65 -16.19
C ALA C 116 -20.14 36.46 -15.32
N ALA C 117 -20.02 37.74 -15.64
CA ALA C 117 -19.10 38.61 -14.92
C ALA C 117 -19.54 38.87 -13.47
N PRO C 118 -18.56 39.00 -12.56
CA PRO C 118 -18.90 39.46 -11.23
C PRO C 118 -19.29 40.92 -11.26
N SER C 119 -20.26 41.29 -10.43
CA SER C 119 -20.46 42.70 -10.10
C SER C 119 -19.50 42.94 -8.93
N VAL C 120 -18.60 43.90 -9.09
CA VAL C 120 -17.53 44.15 -8.13
C VAL C 120 -17.92 45.27 -7.19
N PHE C 121 -17.75 45.03 -5.91
CA PHE C 121 -17.95 46.07 -4.88
C PHE C 121 -16.73 46.12 -3.94
N ILE C 122 -16.48 47.32 -3.43
CA ILE C 122 -15.46 47.53 -2.41
C ILE C 122 -16.17 48.12 -1.22
N PHE C 123 -15.61 47.90 -0.03
CA PHE C 123 -16.16 48.46 1.19
C PHE C 123 -14.99 48.82 2.14
N PRO C 124 -14.84 50.13 2.44
CA PRO C 124 -13.71 50.56 3.28
C PRO C 124 -13.84 50.02 4.70
N PRO C 125 -12.83 50.27 5.55
CA PRO C 125 -12.97 49.96 6.97
C PRO C 125 -14.07 50.81 7.62
N SER C 126 -14.89 50.19 8.45
CA SER C 126 -15.92 50.92 9.19
C SER C 126 -15.25 51.79 10.26
N ASP C 127 -15.92 52.87 10.68
CA ASP C 127 -15.38 53.74 11.72
C ASP C 127 -15.37 52.97 13.04
N GLU C 128 -16.47 52.29 13.35
CA GLU C 128 -16.56 51.47 14.57
C GLU C 128 -15.28 50.65 14.73
N GLN C 129 -14.89 49.95 13.68
CA GLN C 129 -13.73 49.04 13.69
C GLN C 129 -12.43 49.76 13.97
N LEU C 130 -12.22 50.88 13.28
CA LEU C 130 -11.03 51.69 13.47
C LEU C 130 -10.74 51.90 14.95
N LYS C 131 -11.80 52.01 15.76
CA LYS C 131 -11.65 52.08 17.22
C LYS C 131 -10.86 50.90 17.80
N SER C 132 -10.95 49.72 17.17
CA SER C 132 -10.20 48.52 17.59
C SER C 132 -8.75 48.49 17.07
N GLY C 133 -8.38 49.52 16.31
CA GLY C 133 -6.99 49.73 15.85
C GLY C 133 -6.50 48.62 14.95
N THR C 134 -7.23 48.47 13.84
CA THR C 134 -7.08 47.36 12.93
C THR C 134 -8.04 47.63 11.77
N ALA C 135 -7.54 47.47 10.53
CA ALA C 135 -8.28 47.91 9.37
C ALA C 135 -8.54 46.78 8.39
N SER C 136 -9.81 46.50 8.14
CA SER C 136 -10.15 45.50 7.12
C SER C 136 -10.89 46.14 5.93
N VAL C 137 -10.27 46.09 4.75
CA VAL C 137 -10.93 46.48 3.50
C VAL C 137 -11.51 45.22 2.85
N VAL C 138 -12.78 45.29 2.45
CA VAL C 138 -13.48 44.13 1.89
C VAL C 138 -13.82 44.31 0.40
N CYS C 139 -13.33 43.41 -0.45
CA CYS C 139 -13.72 43.42 -1.87
C CYS C 139 -14.63 42.23 -2.21
N LEU C 140 -15.80 42.52 -2.80
CA LEU C 140 -16.82 41.50 -3.14
C LEU C 140 -17.07 41.35 -4.64
N LEU C 141 -16.94 40.11 -5.14
CA LEU C 141 -17.39 39.72 -6.49
C LEU C 141 -18.67 38.87 -6.35
N ASN C 142 -19.80 39.40 -6.82
CA ASN C 142 -21.08 38.70 -6.71
C ASN C 142 -21.48 37.96 -8.01
N ASN C 143 -21.98 36.74 -7.85
CA ASN C 143 -22.57 35.94 -8.94
C ASN C 143 -21.78 35.94 -10.25
N PHE C 144 -20.76 35.09 -10.31
CA PHE C 144 -19.93 34.96 -11.51
C PHE C 144 -19.61 33.52 -11.89
N TYR C 145 -19.14 33.34 -13.12
CA TYR C 145 -18.84 32.00 -13.63
C TYR C 145 -17.95 32.12 -14.87
N PRO C 146 -16.86 31.33 -14.94
CA PRO C 146 -16.39 30.29 -14.01
C PRO C 146 -15.79 30.83 -12.68
N ARG C 147 -15.30 29.94 -11.81
CA ARG C 147 -14.71 30.34 -10.54
C ARG C 147 -13.38 31.07 -10.72
N GLU C 148 -12.50 30.56 -11.57
CA GLU C 148 -11.17 31.14 -11.73
C GLU C 148 -11.21 32.67 -11.82
N ALA C 149 -10.64 33.33 -10.81
CA ALA C 149 -10.64 34.79 -10.72
C ALA C 149 -9.41 35.29 -9.95
N LYS C 150 -8.66 36.23 -10.53
CA LYS C 150 -7.50 36.85 -9.86
C LYS C 150 -7.87 38.23 -9.30
N VAL C 151 -7.79 38.33 -7.98
CA VAL C 151 -8.03 39.58 -7.28
C VAL C 151 -6.66 40.08 -6.83
N GLN C 152 -6.36 41.35 -7.12
CA GLN C 152 -5.10 41.96 -6.70
C GLN C 152 -5.30 43.38 -6.14
N TRP C 153 -4.74 43.58 -4.95
CA TRP C 153 -4.89 44.84 -4.24
C TRP C 153 -3.70 45.78 -4.53
N LYS C 154 -4.01 47.06 -4.71
CA LYS C 154 -3.00 48.11 -4.84
C LYS C 154 -3.23 49.09 -3.71
N VAL C 155 -2.16 49.49 -3.03
CA VAL C 155 -2.29 50.38 -1.87
C VAL C 155 -1.58 51.73 -2.08
N ASN C 157 -1.12 52.33 -5.73
CA ASN C 157 -0.23 51.82 -6.77
C ASN C 157 0.99 51.10 -6.19
N ALA C 158 0.70 50.06 -5.42
CA ALA C 158 1.73 49.20 -4.82
C ALA C 158 1.12 47.82 -4.63
N LEU C 159 1.67 46.83 -5.32
CA LEU C 159 1.17 45.45 -5.23
C LEU C 159 1.30 44.92 -3.80
N GLN C 160 0.23 44.27 -3.30
CA GLN C 160 0.18 43.72 -1.94
C GLN C 160 0.36 42.19 -1.90
N SER C 161 1.56 41.73 -1.57
CA SER C 161 1.84 40.29 -1.50
C SER C 161 1.73 39.81 -0.05
N GLY C 162 0.83 38.86 0.19
CA GLY C 162 0.39 38.57 1.56
C GLY C 162 -0.57 39.66 2.01
N ASN C 163 -1.03 39.58 3.25
CA ASN C 163 -1.95 40.58 3.79
C ASN C 163 -3.39 40.51 3.27
N SER C 164 -3.71 39.51 2.45
CA SER C 164 -5.12 39.29 2.04
C SER C 164 -5.57 37.85 2.21
N GLN C 165 -6.88 37.71 2.41
CA GLN C 165 -7.54 36.40 2.52
C GLN C 165 -8.90 36.40 1.81
N GLU C 166 -9.16 35.32 1.08
CA GLU C 166 -10.42 35.18 0.35
C GLU C 166 -11.14 33.86 0.61
N SER C 167 -12.47 33.90 0.51
CA SER C 167 -13.29 32.68 0.50
C SER C 167 -14.38 32.79 -0.58
N VAL C 168 -14.79 31.62 -1.06
CA VAL C 168 -15.74 31.50 -2.14
C VAL C 168 -16.91 30.62 -1.70
N THR C 169 -18.12 31.09 -2.00
CA THR C 169 -19.32 30.31 -1.72
C THR C 169 -19.36 29.07 -2.61
N GLU C 170 -20.19 28.13 -2.19
CA GLU C 170 -20.53 26.98 -3.00
C GLU C 170 -21.42 27.44 -4.15
N GLN C 171 -21.35 26.74 -5.27
CA GLN C 171 -22.15 27.09 -6.44
C GLN C 171 -23.62 27.27 -6.04
N ASP C 172 -24.24 28.35 -6.51
CA ASP C 172 -25.64 28.61 -6.21
C ASP C 172 -26.56 27.60 -6.93
N SER C 173 -27.43 27.00 -6.11
CA SER C 173 -28.39 25.99 -6.54
C SER C 173 -29.39 26.44 -7.59
N LYS C 174 -29.48 27.75 -7.83
CA LYS C 174 -30.43 28.25 -8.84
C LYS C 174 -29.88 29.45 -9.63
N ASP C 175 -28.81 29.19 -10.36
CA ASP C 175 -28.01 30.23 -11.02
C ASP C 175 -26.73 29.58 -11.49
N SER C 176 -26.27 28.56 -10.76
CA SER C 176 -25.03 27.83 -11.04
C SER C 176 -23.83 28.77 -10.94
N THR C 177 -24.01 29.79 -10.11
CA THR C 177 -23.04 30.88 -10.02
C THR C 177 -22.28 30.80 -8.69
N TYR C 178 -21.12 31.46 -8.61
CA TYR C 178 -20.29 31.48 -7.40
C TYR C 178 -20.35 32.86 -6.74
N SER C 179 -19.63 33.03 -5.64
CA SER C 179 -19.52 34.35 -4.98
C SER C 179 -18.24 34.40 -4.18
N LEU C 180 -17.48 35.51 -4.30
CA LEU C 180 -16.15 35.64 -3.64
C LEU C 180 -16.01 36.92 -2.79
N SER C 181 -15.46 36.76 -1.58
CA SER C 181 -15.19 37.90 -0.67
C SER C 181 -13.73 37.94 -0.30
N SER C 182 -13.05 39.01 -0.66
CA SER C 182 -11.63 39.18 -0.34
C SER C 182 -11.42 40.25 0.75
N THR C 183 -10.65 39.90 1.77
CA THR C 183 -10.39 40.83 2.86
C THR C 183 -8.91 41.20 2.93
N LEU C 184 -8.61 42.49 2.74
CA LEU C 184 -7.27 43.02 2.94
C LEU C 184 -7.19 43.58 4.37
N THR C 185 -6.25 43.12 5.16
CA THR C 185 -6.12 43.65 6.53
C THR C 185 -4.75 44.33 6.74
N LEU C 186 -4.79 45.60 7.13
CA LEU C 186 -3.59 46.39 7.42
C LEU C 186 -3.70 46.87 8.86
N SER C 187 -2.59 47.29 9.45
CA SER C 187 -2.66 47.94 10.76
C SER C 187 -3.36 49.30 10.61
N LYS C 188 -3.67 49.94 11.73
CA LYS C 188 -4.22 51.30 11.70
C LYS C 188 -3.18 52.31 11.19
N ALA C 189 -1.98 52.27 11.78
CA ALA C 189 -0.87 53.13 11.36
C ALA C 189 -0.65 53.07 9.85
N ASP C 190 -0.67 51.86 9.30
CA ASP C 190 -0.40 51.65 7.88
C ASP C 190 -1.57 52.14 7.02
N TYR C 191 -2.80 51.86 7.44
CA TYR C 191 -3.99 52.35 6.75
C TYR C 191 -4.08 53.89 6.74
N GLU C 192 -3.68 54.53 7.84
CA GLU C 192 -3.75 55.98 7.96
C GLU C 192 -2.66 56.72 7.19
N LYS C 193 -1.65 55.98 6.72
CA LYS C 193 -0.50 56.56 6.02
C LYS C 193 -0.69 56.57 4.51
N HIS C 194 -1.88 56.20 4.03
CA HIS C 194 -2.14 56.11 2.61
C HIS C 194 -3.56 56.55 2.25
N LYS C 195 -3.73 56.86 0.97
CA LYS C 195 -5.03 57.19 0.41
C LYS C 195 -5.10 56.40 -0.89
N VAL C 196 -6.29 56.32 -1.48
CA VAL C 196 -6.44 55.65 -2.77
C VAL C 196 -5.91 54.20 -2.70
N TYR C 197 -6.73 53.34 -2.12
CA TYR C 197 -6.52 51.91 -2.15
C TYR C 197 -7.33 51.35 -3.31
N ALA C 198 -6.95 50.20 -3.82
CA ALA C 198 -7.65 49.64 -4.96
C ALA C 198 -7.85 48.13 -4.87
N CYS C 199 -8.99 47.67 -5.38
CA CYS C 199 -9.26 46.25 -5.62
C CYS C 199 -9.39 46.00 -7.12
N GLU C 200 -8.32 45.56 -7.78
CA GLU C 200 -8.41 45.20 -9.19
C GLU C 200 -8.79 43.71 -9.30
N VAL C 201 -9.69 43.40 -10.23
CA VAL C 201 -10.19 42.04 -10.39
C VAL C 201 -10.22 41.64 -11.86
N THR C 202 -9.46 40.61 -12.24
CA THR C 202 -9.51 40.03 -13.58
C THR C 202 -10.48 38.85 -13.58
N HIS C 203 -11.13 38.58 -14.72
CA HIS C 203 -12.07 37.46 -14.85
C HIS C 203 -12.23 37.17 -16.33
N GLN C 204 -12.97 36.12 -16.69
CA GLN C 204 -13.27 35.84 -18.09
C GLN C 204 -14.60 36.47 -18.57
N GLY C 205 -15.13 37.43 -17.81
CA GLY C 205 -16.46 37.98 -18.10
C GLY C 205 -16.47 39.49 -18.32
N PRO C 209 -10.61 43.95 -17.07
CA PRO C 209 -9.92 44.10 -15.77
C PRO C 209 -10.38 45.33 -14.98
N VAL C 210 -11.43 45.15 -14.16
CA VAL C 210 -12.09 46.26 -13.47
C VAL C 210 -11.48 46.53 -12.09
N THR C 211 -11.24 47.81 -11.78
CA THR C 211 -10.76 48.21 -10.46
C THR C 211 -11.86 48.98 -9.73
N LYS C 212 -12.16 48.59 -8.49
CA LYS C 212 -13.11 49.34 -7.65
C LYS C 212 -12.40 49.87 -6.42
N SER C 213 -12.14 51.19 -6.45
CA SER C 213 -11.27 51.87 -5.48
C SER C 213 -12.01 52.90 -4.63
N ALA C 214 -11.41 53.21 -3.48
CA ALA C 214 -11.91 54.25 -2.57
C ALA C 214 -10.71 55.07 -2.13
N ASN C 215 -10.91 56.37 -1.93
CA ASN C 215 -9.85 57.24 -1.40
C ASN C 215 -10.04 57.49 0.10
N ARG C 216 -8.97 57.27 0.87
CA ARG C 216 -8.98 57.56 2.31
C ARG C 216 -9.07 59.06 2.58
#